data_9F0N
#
_entry.id   9F0N
#
_cell.length_a   76.560
_cell.length_b   84.920
_cell.length_c   89.270
_cell.angle_alpha   90.00
_cell.angle_beta   90.00
_cell.angle_gamma   90.00
#
_symmetry.space_group_name_H-M   'P 21 21 21'
#
loop_
_entity.id
_entity.type
_entity.pdbx_description
1 polymer cellulase
2 non-polymer GLYCEROL
3 non-polymer 'SULFATE ION'
4 water water
#
_entity_poly.entity_id   1
_entity_poly.type   'polypeptide(L)'
_entity_poly.pdbx_seq_one_letter_code
;MAKVFQWFGSNESGAEFGSQNLPGVEGKDYIWPDPNTIDTLISKGMNIFRVPFMMERLVPNSMTGSPDPNYLADLIATVN
AITQKGAYAVVDPHNYGRYYNSIISSPSDFQTFWKTVASQFASNPLVIFDTNNAYHDMDQTLVLNLNQAAIDGIRSAGAT
SQYIFVEGNSWTGAWTWTNVNDNMKSLTDPSDKIIYEMHQYLDSDGSGTSATCVSSTIGQERITSATQWLRANGKKGIIG
EFAGGANDVCETAITGMLDYMAQNTDVWTGAIWWAAGPWWGDYIFSMEPDNGIAYQQILPILTPYL
;
_entity_poly.pdbx_strand_id   A,B
#
loop_
_chem_comp.id
_chem_comp.type
_chem_comp.name
_chem_comp.formula
GOL non-polymer GLYCEROL 'C3 H8 O3'
SO4 non-polymer 'SULFATE ION' 'O4 S -2'
#
# COMPACT_ATOMS: atom_id res chain seq x y z
N LYS A 3 32.95 -2.22 14.69
CA LYS A 3 31.76 -2.95 14.27
CA LYS A 3 31.73 -2.88 14.24
C LYS A 3 30.66 -2.84 15.33
N VAL A 4 29.62 -2.08 15.04
CA VAL A 4 28.53 -1.86 15.99
C VAL A 4 27.47 -2.95 15.91
N PHE A 5 27.13 -3.38 14.71
CA PHE A 5 26.05 -4.33 14.46
C PHE A 5 26.61 -5.64 13.96
N GLN A 6 25.80 -6.69 14.09
CA GLN A 6 26.14 -7.96 13.48
C GLN A 6 26.29 -7.81 11.96
N TRP A 7 25.40 -7.06 11.32
CA TRP A 7 25.37 -6.88 9.88
C TRP A 7 25.16 -5.42 9.53
N PHE A 8 25.92 -4.93 8.56
CA PHE A 8 25.68 -3.59 8.00
C PHE A 8 26.13 -3.61 6.57
N GLY A 9 25.25 -3.23 5.64
CA GLY A 9 25.61 -3.36 4.25
C GLY A 9 24.62 -2.73 3.30
N SER A 10 24.46 -3.31 2.12
CA SER A 10 23.69 -2.66 1.07
C SER A 10 22.95 -3.70 0.22
N ASN A 11 21.80 -3.29 -0.28
CA ASN A 11 21.16 -3.99 -1.37
C ASN A 11 22.00 -3.83 -2.64
N GLU A 12 21.97 -4.87 -3.47
CA GLU A 12 22.68 -4.93 -4.75
C GLU A 12 21.62 -5.25 -5.80
N SER A 13 20.99 -4.20 -6.32
CA SER A 13 19.79 -4.27 -7.14
CA SER A 13 19.81 -4.31 -7.15
C SER A 13 20.15 -4.27 -8.63
N GLY A 14 19.31 -4.94 -9.41
CA GLY A 14 19.50 -4.98 -10.85
C GLY A 14 18.88 -6.22 -11.47
N ALA A 15 18.93 -7.37 -10.79
CA ALA A 15 18.44 -8.57 -11.45
C ALA A 15 16.92 -8.62 -11.50
N GLU A 16 16.28 -7.73 -10.73
CA GLU A 16 14.84 -7.63 -10.71
C GLU A 16 14.34 -6.43 -11.50
N PHE A 17 15.22 -5.74 -12.22
CA PHE A 17 14.81 -4.60 -13.02
C PHE A 17 13.95 -5.06 -14.20
N GLY A 18 13.24 -4.11 -14.79
CA GLY A 18 12.45 -4.39 -15.97
C GLY A 18 11.44 -5.50 -15.78
N SER A 19 10.75 -5.49 -14.63
CA SER A 19 9.93 -6.63 -14.22
C SER A 19 8.74 -6.88 -15.13
N GLN A 20 8.35 -5.90 -15.95
CA GLN A 20 7.27 -6.12 -16.90
C GLN A 20 7.69 -7.05 -18.03
N ASN A 21 8.98 -7.28 -18.22
CA ASN A 21 9.49 -8.13 -19.29
C ASN A 21 9.92 -9.46 -18.69
N LEU A 22 9.10 -10.49 -18.90
CA LEU A 22 9.40 -11.85 -18.43
C LEU A 22 9.39 -12.79 -19.63
N PRO A 23 10.44 -13.60 -19.82
CA PRO A 23 11.67 -13.70 -19.01
C PRO A 23 12.54 -12.45 -18.99
N GLY A 24 12.45 -11.59 -20.00
CA GLY A 24 13.37 -10.47 -20.13
C GLY A 24 14.72 -10.96 -20.62
N VAL A 25 15.57 -9.99 -20.96
CA VAL A 25 16.86 -10.26 -21.58
C VAL A 25 17.97 -9.66 -20.72
N GLU A 26 18.88 -10.51 -20.27
CA GLU A 26 20.00 -10.02 -19.46
C GLU A 26 20.81 -9.02 -20.28
N GLY A 27 21.24 -7.95 -19.61
CA GLY A 27 21.94 -6.88 -20.28
C GLY A 27 21.05 -5.85 -20.94
N LYS A 28 19.76 -6.15 -21.09
CA LYS A 28 18.79 -5.22 -21.64
CA LYS A 28 18.79 -5.21 -21.64
CA LYS A 28 18.79 -5.22 -21.65
C LYS A 28 17.71 -4.85 -20.65
N ASP A 29 17.03 -5.83 -20.06
CA ASP A 29 15.99 -5.56 -19.08
C ASP A 29 16.50 -5.61 -17.65
N TYR A 30 17.56 -6.37 -17.42
CA TYR A 30 18.09 -6.55 -16.07
C TYR A 30 19.57 -6.85 -16.16
N ILE A 31 20.24 -6.76 -15.00
CA ILE A 31 21.68 -7.00 -14.91
CA ILE A 31 21.69 -6.93 -14.90
C ILE A 31 22.00 -7.45 -13.50
N TRP A 32 23.04 -8.27 -13.38
CA TRP A 32 23.47 -8.71 -12.06
C TRP A 32 24.53 -7.78 -11.48
N PRO A 33 24.70 -7.81 -10.15
CA PRO A 33 25.66 -6.90 -9.50
C PRO A 33 27.09 -7.10 -9.97
N ASP A 34 27.87 -6.04 -9.83
CA ASP A 34 29.26 -6.05 -10.26
C ASP A 34 30.13 -6.50 -9.11
N PRO A 35 30.81 -7.66 -9.21
CA PRO A 35 31.67 -8.10 -8.11
CA PRO A 35 31.66 -8.10 -8.10
C PRO A 35 32.76 -7.11 -7.73
N ASN A 36 33.24 -6.31 -8.69
CA ASN A 36 34.29 -5.38 -8.38
C ASN A 36 33.80 -4.26 -7.47
N THR A 37 32.58 -3.77 -7.69
CA THR A 37 32.10 -2.71 -6.81
C THR A 37 31.64 -3.25 -5.47
N ILE A 38 31.13 -4.48 -5.42
CA ILE A 38 30.93 -5.15 -4.14
C ILE A 38 32.22 -5.18 -3.34
N ASP A 39 33.34 -5.53 -3.99
CA ASP A 39 34.63 -5.57 -3.31
C ASP A 39 34.96 -4.21 -2.69
N THR A 40 34.68 -3.13 -3.41
CA THR A 40 34.91 -1.80 -2.85
C THR A 40 34.07 -1.58 -1.59
N LEU A 41 32.79 -1.95 -1.63
CA LEU A 41 31.95 -1.77 -0.45
C LEU A 41 32.43 -2.64 0.72
N ILE A 42 32.89 -3.87 0.42
CA ILE A 42 33.49 -4.71 1.46
C ILE A 42 34.69 -4.01 2.08
N SER A 43 35.51 -3.37 1.25
CA SER A 43 36.71 -2.70 1.76
C SER A 43 36.36 -1.52 2.65
N LYS A 44 35.16 -0.96 2.48
CA LYS A 44 34.67 0.10 3.36
C LYS A 44 34.08 -0.44 4.66
N GLY A 45 33.95 -1.76 4.80
CA GLY A 45 33.49 -2.36 6.03
C GLY A 45 32.11 -2.98 5.99
N MET A 46 31.42 -2.96 4.85
CA MET A 46 30.12 -3.61 4.75
C MET A 46 30.30 -5.12 4.71
N ASN A 47 29.40 -5.84 5.38
CA ASN A 47 29.54 -7.28 5.49
C ASN A 47 28.28 -8.02 5.11
N ILE A 48 27.30 -7.36 4.48
CA ILE A 48 26.08 -8.04 4.04
C ILE A 48 25.59 -7.35 2.77
N PHE A 49 25.20 -8.16 1.80
CA PHE A 49 24.72 -7.69 0.51
C PHE A 49 23.44 -8.43 0.17
N ARG A 50 22.35 -7.70 0.00
CA ARG A 50 21.06 -8.29 -0.32
C ARG A 50 20.84 -8.25 -1.82
N VAL A 51 20.53 -9.39 -2.42
CA VAL A 51 20.50 -9.56 -3.87
C VAL A 51 19.06 -9.85 -4.30
N PRO A 52 18.31 -8.82 -4.72
CA PRO A 52 16.98 -9.06 -5.30
C PRO A 52 17.06 -9.83 -6.61
N PHE A 53 16.07 -10.67 -6.85
CA PHE A 53 15.91 -11.34 -8.14
C PHE A 53 14.43 -11.67 -8.28
N MET A 54 13.98 -11.98 -9.50
CA MET A 54 12.58 -12.34 -9.72
CA MET A 54 12.59 -12.34 -9.75
C MET A 54 12.39 -13.85 -9.65
N MET A 55 11.38 -14.27 -8.87
CA MET A 55 11.03 -15.69 -8.82
C MET A 55 10.78 -16.24 -10.21
N GLU A 56 10.10 -15.47 -11.07
CA GLU A 56 9.69 -15.96 -12.39
C GLU A 56 10.88 -16.12 -13.31
N ARG A 57 11.94 -15.35 -13.10
CA ARG A 57 13.15 -15.52 -13.89
C ARG A 57 14.01 -16.68 -13.38
N LEU A 58 13.97 -16.97 -12.08
CA LEU A 58 14.75 -18.07 -11.54
C LEU A 58 14.05 -19.41 -11.79
N VAL A 59 12.74 -19.45 -11.60
CA VAL A 59 11.95 -20.68 -11.76
C VAL A 59 10.73 -20.29 -12.58
N PRO A 60 10.81 -20.38 -13.90
CA PRO A 60 9.73 -19.84 -14.74
CA PRO A 60 9.72 -19.85 -14.74
C PRO A 60 8.51 -20.75 -14.78
N ASN A 61 7.36 -20.12 -15.11
CA ASN A 61 6.11 -20.82 -15.42
C ASN A 61 5.37 -21.35 -14.22
N SER A 62 6.00 -22.23 -13.46
CA SER A 62 5.46 -22.75 -12.21
CA SER A 62 5.46 -22.73 -12.21
C SER A 62 6.57 -22.74 -11.17
N MET A 63 6.26 -22.27 -9.97
CA MET A 63 7.31 -22.17 -8.97
C MET A 63 7.76 -23.53 -8.45
N THR A 64 7.03 -24.60 -8.79
CA THR A 64 7.43 -25.95 -8.45
C THR A 64 8.31 -26.59 -9.54
N GLY A 65 8.67 -25.85 -10.57
CA GLY A 65 9.42 -26.38 -11.69
C GLY A 65 10.92 -26.27 -11.50
N SER A 66 11.64 -26.54 -12.59
CA SER A 66 13.10 -26.51 -12.61
CA SER A 66 13.09 -26.48 -12.54
C SER A 66 13.58 -25.07 -12.83
N PRO A 67 14.75 -24.73 -12.30
CA PRO A 67 15.29 -23.38 -12.50
C PRO A 67 15.65 -23.12 -13.96
N ASP A 68 15.68 -21.84 -14.31
CA ASP A 68 16.29 -21.42 -15.56
C ASP A 68 17.80 -21.47 -15.39
N PRO A 69 18.51 -22.26 -16.19
CA PRO A 69 19.96 -22.42 -15.95
C PRO A 69 20.75 -21.12 -16.04
N ASN A 70 20.41 -20.22 -16.97
CA ASN A 70 21.22 -19.03 -17.15
CA ASN A 70 21.22 -19.03 -17.15
C ASN A 70 21.05 -18.06 -15.99
N TYR A 71 19.81 -17.80 -15.57
CA TYR A 71 19.58 -16.87 -14.48
C TYR A 71 20.10 -17.45 -13.17
N LEU A 72 19.91 -18.76 -12.97
CA LEU A 72 20.48 -19.40 -11.78
C LEU A 72 21.99 -19.31 -11.76
N ALA A 73 22.65 -19.54 -12.90
CA ALA A 73 24.11 -19.48 -12.92
C ALA A 73 24.60 -18.12 -12.46
N ASP A 74 23.89 -17.05 -12.86
CA ASP A 74 24.29 -15.70 -12.47
C ASP A 74 23.98 -15.40 -11.01
N LEU A 75 22.88 -15.93 -10.49
CA LEU A 75 22.64 -15.82 -9.04
C LEU A 75 23.74 -16.51 -8.26
N ILE A 76 24.11 -17.73 -8.66
CA ILE A 76 25.19 -18.46 -7.99
C ILE A 76 26.49 -17.67 -8.05
N ALA A 77 26.82 -17.12 -9.22
CA ALA A 77 28.07 -16.38 -9.35
C ALA A 77 28.07 -15.15 -8.46
N THR A 78 26.92 -14.48 -8.33
CA THR A 78 26.84 -13.30 -7.47
C THR A 78 26.98 -13.68 -5.99
N VAL A 79 26.27 -14.72 -5.57
CA VAL A 79 26.39 -15.19 -4.18
C VAL A 79 27.83 -15.55 -3.86
N ASN A 80 28.48 -16.29 -4.75
CA ASN A 80 29.84 -16.71 -4.46
CA ASN A 80 29.86 -16.72 -4.51
C ASN A 80 30.81 -15.54 -4.44
N ALA A 81 30.59 -14.53 -5.28
CA ALA A 81 31.46 -13.36 -5.24
C ALA A 81 31.39 -12.70 -3.87
N ILE A 82 30.19 -12.65 -3.29
CA ILE A 82 30.00 -12.04 -1.98
C ILE A 82 30.60 -12.94 -0.89
N THR A 83 30.23 -14.21 -0.89
CA THR A 83 30.57 -15.04 0.27
C THR A 83 32.01 -15.53 0.26
N GLN A 84 32.65 -15.65 -0.90
CA GLN A 84 34.05 -16.09 -0.92
CA GLN A 84 34.05 -16.07 -0.94
CA GLN A 84 34.04 -16.08 -0.93
C GLN A 84 34.93 -15.18 -0.08
N LYS A 85 34.56 -13.90 0.03
CA LYS A 85 35.30 -12.92 0.82
C LYS A 85 35.01 -12.99 2.31
N GLY A 86 33.96 -13.69 2.72
CA GLY A 86 33.56 -13.72 4.12
C GLY A 86 32.33 -12.87 4.46
N ALA A 87 31.76 -12.15 3.51
CA ALA A 87 30.53 -11.39 3.73
C ALA A 87 29.28 -12.27 3.52
N TYR A 88 28.15 -11.80 4.04
CA TYR A 88 26.89 -12.52 3.89
C TYR A 88 26.13 -12.08 2.66
N ALA A 89 25.50 -13.02 1.97
CA ALA A 89 24.69 -12.74 0.78
C ALA A 89 23.24 -13.11 1.08
N VAL A 90 22.33 -12.14 0.97
CA VAL A 90 20.90 -12.38 1.18
C VAL A 90 20.25 -12.70 -0.16
N VAL A 91 19.73 -13.91 -0.28
CA VAL A 91 19.03 -14.38 -1.47
CA VAL A 91 19.03 -14.32 -1.49
C VAL A 91 17.57 -13.93 -1.34
N ASP A 92 17.16 -12.93 -2.13
CA ASP A 92 15.89 -12.21 -1.98
C ASP A 92 15.02 -12.38 -3.22
N PRO A 93 14.07 -13.31 -3.22
CA PRO A 93 13.02 -13.33 -4.24
C PRO A 93 12.14 -12.12 -4.06
N HIS A 94 12.34 -11.13 -4.92
CA HIS A 94 11.88 -9.77 -4.67
C HIS A 94 10.49 -9.63 -5.26
N ASN A 95 9.54 -10.37 -4.65
CA ASN A 95 8.30 -10.70 -5.35
C ASN A 95 7.01 -10.22 -4.71
N TYR A 96 7.06 -9.58 -3.56
CA TYR A 96 5.86 -8.92 -3.02
C TYR A 96 4.76 -9.93 -2.71
N GLY A 97 5.11 -11.18 -2.43
CA GLY A 97 4.09 -12.18 -2.15
C GLY A 97 3.34 -12.65 -3.37
N ARG A 98 3.83 -12.35 -4.58
CA ARG A 98 3.10 -12.58 -5.82
C ARG A 98 4.00 -13.28 -6.84
N TYR A 99 3.38 -14.07 -7.71
CA TYR A 99 4.08 -14.85 -8.72
C TYR A 99 3.24 -14.72 -9.99
N TYR A 100 3.85 -14.21 -11.06
CA TYR A 100 3.10 -13.79 -12.26
C TYR A 100 1.93 -12.88 -11.88
N ASN A 101 2.20 -11.97 -10.95
CA ASN A 101 1.27 -10.91 -10.56
C ASN A 101 0.04 -11.39 -9.81
N SER A 102 0.01 -12.63 -9.38
CA SER A 102 -1.07 -13.17 -8.56
CA SER A 102 -1.07 -13.17 -8.56
C SER A 102 -0.50 -13.54 -7.19
N ILE A 103 -1.27 -13.27 -6.15
CA ILE A 103 -0.87 -13.65 -4.80
CA ILE A 103 -0.84 -13.65 -4.80
C ILE A 103 -0.51 -15.13 -4.76
N ILE A 104 0.58 -15.45 -4.06
CA ILE A 104 1.01 -16.84 -3.87
C ILE A 104 0.08 -17.44 -2.83
N SER A 105 -0.90 -18.22 -3.29
CA SER A 105 -1.94 -18.71 -2.39
C SER A 105 -1.69 -20.14 -1.94
N SER A 106 -0.66 -20.80 -2.48
CA SER A 106 -0.34 -22.18 -2.12
C SER A 106 0.95 -22.25 -1.30
N PRO A 107 0.86 -22.40 0.01
CA PRO A 107 2.09 -22.61 0.81
C PRO A 107 2.85 -23.84 0.38
N SER A 108 2.18 -24.91 -0.06
CA SER A 108 2.90 -26.11 -0.51
CA SER A 108 2.92 -26.09 -0.49
CA SER A 108 2.90 -26.11 -0.51
C SER A 108 3.76 -25.80 -1.73
N ASP A 109 3.21 -25.06 -2.70
CA ASP A 109 4.01 -24.74 -3.88
C ASP A 109 5.19 -23.85 -3.49
N PHE A 110 4.96 -22.91 -2.56
CA PHE A 110 6.01 -22.02 -2.12
C PHE A 110 7.11 -22.78 -1.39
N GLN A 111 6.72 -23.79 -0.62
CA GLN A 111 7.70 -24.64 0.06
C GLN A 111 8.56 -25.38 -0.94
N THR A 112 7.96 -25.89 -2.03
CA THR A 112 8.74 -26.56 -3.05
C THR A 112 9.72 -25.60 -3.73
N PHE A 113 9.26 -24.40 -4.07
CA PHE A 113 10.15 -23.37 -4.60
C PHE A 113 11.34 -23.19 -3.66
N TRP A 114 11.07 -23.07 -2.36
CA TRP A 114 12.14 -22.83 -1.40
C TRP A 114 13.07 -24.03 -1.22
N LYS A 115 12.57 -25.26 -1.30
CA LYS A 115 13.49 -26.39 -1.30
CA LYS A 115 13.47 -26.41 -1.31
C LYS A 115 14.39 -26.35 -2.52
N THR A 116 13.83 -26.00 -3.68
CA THR A 116 14.65 -25.87 -4.89
C THR A 116 15.77 -24.85 -4.72
N VAL A 117 15.43 -23.67 -4.20
CA VAL A 117 16.43 -22.61 -4.07
C VAL A 117 17.43 -22.96 -2.98
N ALA A 118 16.95 -23.40 -1.82
CA ALA A 118 17.88 -23.68 -0.73
C ALA A 118 18.84 -24.80 -1.07
N SER A 119 18.40 -25.76 -1.90
CA SER A 119 19.29 -26.84 -2.29
CA SER A 119 19.29 -26.84 -2.29
C SER A 119 20.53 -26.34 -3.01
N GLN A 120 20.42 -25.20 -3.71
CA GLN A 120 21.57 -24.64 -4.42
C GLN A 120 22.59 -24.01 -3.49
N PHE A 121 22.20 -23.72 -2.24
CA PHE A 121 23.06 -22.98 -1.33
C PHE A 121 23.24 -23.65 0.02
N ALA A 122 22.82 -24.92 0.14
CA ALA A 122 22.66 -25.52 1.46
C ALA A 122 23.97 -25.62 2.23
N SER A 123 25.11 -25.70 1.55
CA SER A 123 26.39 -25.86 2.24
CA SER A 123 26.38 -25.86 2.24
C SER A 123 27.07 -24.54 2.57
N ASN A 124 26.49 -23.41 2.15
CA ASN A 124 27.14 -22.12 2.31
C ASN A 124 26.58 -21.39 3.54
N PRO A 125 27.33 -21.32 4.66
CA PRO A 125 26.76 -20.74 5.88
C PRO A 125 26.65 -19.23 5.84
N LEU A 126 27.20 -18.60 4.82
CA LEU A 126 27.15 -17.16 4.66
C LEU A 126 25.99 -16.72 3.76
N VAL A 127 25.21 -17.63 3.22
CA VAL A 127 23.96 -17.30 2.56
CA VAL A 127 23.98 -17.23 2.57
C VAL A 127 22.89 -17.06 3.61
N ILE A 128 22.07 -16.04 3.40
CA ILE A 128 20.88 -15.79 4.20
C ILE A 128 19.70 -15.88 3.25
N PHE A 129 18.66 -16.61 3.64
CA PHE A 129 17.48 -16.75 2.78
C PHE A 129 16.42 -15.76 3.24
N ASP A 130 15.85 -15.01 2.32
CA ASP A 130 14.84 -14.00 2.63
C ASP A 130 13.54 -14.48 1.99
N THR A 131 12.53 -14.78 2.80
CA THR A 131 11.41 -15.57 2.26
C THR A 131 10.75 -14.92 1.04
N ASN A 132 10.50 -13.61 1.11
CA ASN A 132 10.00 -12.84 -0.01
C ASN A 132 10.07 -11.38 0.38
N ASN A 133 10.31 -10.51 -0.59
CA ASN A 133 10.35 -9.08 -0.34
C ASN A 133 8.94 -8.50 -0.19
N ALA A 134 8.68 -7.86 0.95
CA ALA A 134 7.59 -6.87 1.09
C ALA A 134 6.22 -7.42 0.68
N TYR A 135 5.78 -8.49 1.36
CA TYR A 135 4.38 -8.90 1.28
C TYR A 135 3.49 -7.67 1.52
N HIS A 136 2.37 -7.59 0.80
CA HIS A 136 1.46 -6.46 1.00
C HIS A 136 0.09 -6.82 0.43
N ASP A 137 -0.95 -6.15 0.94
CA ASP A 137 -2.31 -6.23 0.40
C ASP A 137 -2.72 -7.68 0.15
N MET A 138 -2.62 -8.47 1.22
CA MET A 138 -2.96 -9.89 1.12
C MET A 138 -3.28 -10.39 2.52
N ASP A 139 -3.83 -11.61 2.59
CA ASP A 139 -4.36 -12.13 3.85
C ASP A 139 -3.24 -12.31 4.89
N GLN A 140 -3.51 -11.90 6.13
CA GLN A 140 -2.48 -11.87 7.16
C GLN A 140 -2.08 -13.29 7.60
N THR A 141 -3.04 -14.22 7.66
CA THR A 141 -2.70 -15.60 7.97
C THR A 141 -1.90 -16.23 6.85
N LEU A 142 -2.24 -15.92 5.60
CA LEU A 142 -1.45 -16.39 4.47
C LEU A 142 0.01 -15.93 4.59
N VAL A 143 0.24 -14.66 4.94
CA VAL A 143 1.64 -14.21 5.06
C VAL A 143 2.39 -15.04 6.09
N LEU A 144 1.78 -15.29 7.25
CA LEU A 144 2.40 -16.16 8.24
C LEU A 144 2.71 -17.52 7.63
N ASN A 145 1.71 -18.12 6.97
CA ASN A 145 1.85 -19.47 6.44
C ASN A 145 2.91 -19.55 5.35
N LEU A 146 3.02 -18.51 4.52
CA LEU A 146 4.05 -18.50 3.49
C LEU A 146 5.45 -18.42 4.10
N ASN A 147 5.64 -17.59 5.14
CA ASN A 147 6.93 -17.55 5.80
C ASN A 147 7.26 -18.91 6.42
N GLN A 148 6.28 -19.56 7.02
CA GLN A 148 6.54 -20.86 7.63
C GLN A 148 6.85 -21.92 6.59
N ALA A 149 6.15 -21.88 5.45
CA ALA A 149 6.41 -22.83 4.36
C ALA A 149 7.81 -22.65 3.80
N ALA A 150 8.26 -21.40 3.70
CA ALA A 150 9.63 -21.15 3.25
C ALA A 150 10.65 -21.74 4.22
N ILE A 151 10.48 -21.48 5.52
CA ILE A 151 11.37 -22.05 6.53
C ILE A 151 11.42 -23.57 6.41
N ASP A 152 10.25 -24.18 6.30
CA ASP A 152 10.19 -25.64 6.24
C ASP A 152 10.90 -26.15 4.98
N GLY A 153 10.69 -25.47 3.85
CA GLY A 153 11.36 -25.89 2.62
C GLY A 153 12.88 -25.76 2.71
N ILE A 154 13.34 -24.63 3.22
CA ILE A 154 14.77 -24.38 3.40
C ILE A 154 15.41 -25.44 4.30
N ARG A 155 14.83 -25.67 5.47
CA ARG A 155 15.44 -26.63 6.38
C ARG A 155 15.35 -28.05 5.82
N SER A 156 14.28 -28.36 5.09
CA SER A 156 14.14 -29.69 4.49
C SER A 156 15.25 -30.00 3.49
N ALA A 157 15.83 -28.95 2.87
CA ALA A 157 16.91 -29.12 1.91
C ALA A 157 18.25 -29.37 2.58
N GLY A 158 18.30 -29.36 3.91
CA GLY A 158 19.56 -29.46 4.61
C GLY A 158 20.29 -28.15 4.77
N ALA A 159 19.63 -27.04 4.43
CA ALA A 159 20.21 -25.71 4.65
C ALA A 159 19.88 -25.30 6.07
N THR A 160 20.68 -25.76 7.03
CA THR A 160 20.37 -25.61 8.45
C THR A 160 21.26 -24.62 9.18
N SER A 161 22.35 -24.20 8.57
CA SER A 161 23.27 -23.27 9.21
C SER A 161 22.90 -21.81 8.99
N GLN A 162 22.05 -21.54 8.00
CA GLN A 162 21.82 -20.18 7.50
C GLN A 162 20.72 -19.47 8.27
N TYR A 163 20.90 -18.18 8.47
CA TYR A 163 19.81 -17.35 8.93
C TYR A 163 18.72 -17.26 7.87
N ILE A 164 17.49 -17.11 8.35
CA ILE A 164 16.33 -16.88 7.49
C ILE A 164 15.73 -15.54 7.87
N PHE A 165 15.67 -14.62 6.91
CA PHE A 165 14.97 -13.34 7.08
C PHE A 165 13.51 -13.54 6.69
N VAL A 166 12.62 -13.35 7.66
CA VAL A 166 11.20 -13.41 7.40
C VAL A 166 10.70 -11.98 7.21
N GLU A 167 9.65 -11.81 6.42
CA GLU A 167 9.09 -10.47 6.15
C GLU A 167 7.60 -10.49 6.38
N GLY A 168 7.08 -9.36 6.87
CA GLY A 168 5.68 -9.24 7.16
C GLY A 168 4.90 -8.49 6.11
N ASN A 169 3.61 -8.33 6.40
CA ASN A 169 2.65 -7.57 5.57
C ASN A 169 2.88 -6.06 5.73
N SER A 170 2.08 -5.27 5.01
CA SER A 170 2.30 -3.81 4.95
C SER A 170 3.70 -3.50 4.46
N TRP A 171 4.13 -4.23 3.43
CA TRP A 171 5.41 -3.99 2.78
C TRP A 171 6.55 -4.14 3.78
N THR A 172 6.32 -5.01 4.75
CA THR A 172 7.22 -5.27 5.88
C THR A 172 7.70 -4.00 6.59
N GLY A 173 6.87 -2.94 6.60
CA GLY A 173 7.31 -1.68 7.19
C GLY A 173 7.49 -1.79 8.70
N ALA A 174 8.55 -1.17 9.22
CA ALA A 174 8.70 -1.14 10.67
C ALA A 174 7.61 -0.31 11.32
N TRP A 175 7.26 0.82 10.71
CA TRP A 175 6.34 1.75 11.37
C TRP A 175 4.94 1.19 11.47
N THR A 176 4.58 0.24 10.63
CA THR A 176 3.26 -0.36 10.60
C THR A 176 3.24 -1.74 11.24
N TRP A 177 4.39 -2.23 11.72
CA TRP A 177 4.52 -3.62 12.11
C TRP A 177 3.53 -4.01 13.20
N THR A 178 3.51 -3.28 14.30
CA THR A 178 2.65 -3.71 15.40
C THR A 178 1.18 -3.60 15.04
N ASN A 179 0.83 -2.75 14.07
CA ASN A 179 -0.58 -2.61 13.73
C ASN A 179 -1.12 -3.82 12.95
N VAL A 180 -0.25 -4.56 12.25
CA VAL A 180 -0.74 -5.65 11.39
C VAL A 180 -0.08 -7.01 11.57
N ASN A 181 1.17 -7.04 12.02
CA ASN A 181 2.00 -8.25 11.90
C ASN A 181 2.20 -9.01 13.20
N ASP A 182 1.35 -8.81 14.21
CA ASP A 182 1.60 -9.51 15.47
C ASP A 182 1.62 -11.02 15.30
N ASN A 183 0.83 -11.57 14.38
CA ASN A 183 0.77 -13.04 14.26
C ASN A 183 2.09 -13.63 13.83
N MET A 184 3.01 -12.83 13.29
CA MET A 184 4.31 -13.32 12.84
C MET A 184 5.16 -13.84 13.99
N LYS A 185 4.81 -13.53 15.24
CA LYS A 185 5.56 -14.04 16.38
C LYS A 185 5.54 -15.56 16.47
N SER A 186 4.58 -16.24 15.82
CA SER A 186 4.47 -17.68 16.02
CA SER A 186 4.41 -17.68 15.96
C SER A 186 5.34 -18.50 15.08
N LEU A 187 6.10 -17.89 14.18
CA LEU A 187 6.96 -18.66 13.29
C LEU A 187 7.96 -19.49 14.08
N THR A 188 8.21 -20.71 13.59
CA THR A 188 9.13 -21.65 14.24
CA THR A 188 9.15 -21.61 14.25
C THR A 188 10.24 -22.06 13.28
N ASP A 189 11.40 -22.35 13.82
CA ASP A 189 12.55 -22.77 13.01
C ASP A 189 13.39 -23.71 13.86
N PRO A 190 13.57 -24.96 13.43
CA PRO A 190 14.42 -25.89 14.20
C PRO A 190 15.84 -25.42 14.39
N SER A 191 16.36 -24.57 13.53
CA SER A 191 17.69 -24.01 13.72
C SER A 191 17.71 -22.77 14.59
N ASP A 192 16.55 -22.22 14.95
CA ASP A 192 16.47 -21.03 15.79
C ASP A 192 17.26 -19.87 15.20
N LYS A 193 17.08 -19.60 13.91
CA LYS A 193 17.83 -18.55 13.22
CA LYS A 193 17.83 -18.55 13.22
CA LYS A 193 17.83 -18.56 13.20
C LYS A 193 16.90 -17.66 12.40
N ILE A 194 15.69 -17.41 12.91
CA ILE A 194 14.77 -16.44 12.28
C ILE A 194 15.19 -15.03 12.67
N ILE A 195 15.25 -14.13 11.69
CA ILE A 195 15.42 -12.70 11.91
C ILE A 195 14.26 -12.01 11.21
N TYR A 196 13.59 -11.11 11.92
CA TYR A 196 12.46 -10.37 11.36
C TYR A 196 13.00 -9.17 10.59
N GLU A 197 12.86 -9.22 9.26
CA GLU A 197 13.36 -8.14 8.41
C GLU A 197 12.24 -7.14 8.18
N MET A 198 12.52 -5.89 8.51
CA MET A 198 11.59 -4.79 8.32
C MET A 198 12.25 -3.77 7.41
N HIS A 199 11.45 -2.94 6.77
CA HIS A 199 11.96 -1.88 5.91
C HIS A 199 11.49 -0.56 6.49
N GLN A 200 12.29 0.49 6.33
CA GLN A 200 11.86 1.80 6.81
C GLN A 200 12.43 2.93 5.97
N TYR A 201 11.53 3.71 5.39
CA TYR A 201 11.89 4.93 4.70
C TYR A 201 11.41 6.14 5.49
N LEU A 202 11.86 7.31 5.04
CA LEU A 202 11.89 8.51 5.87
C LEU A 202 11.11 9.67 5.27
N ASP A 203 10.53 9.48 4.09
CA ASP A 203 9.71 10.49 3.45
C ASP A 203 8.28 10.43 4.01
N SER A 204 7.45 11.40 3.61
CA SER A 204 6.16 11.60 4.26
CA SER A 204 6.17 11.60 4.29
C SER A 204 5.32 10.33 4.31
N ASP A 205 5.17 9.65 3.16
CA ASP A 205 4.33 8.46 3.10
C ASP A 205 5.10 7.17 3.29
N GLY A 206 6.40 7.25 3.57
CA GLY A 206 7.17 6.04 3.81
C GLY A 206 7.47 5.22 2.58
N SER A 207 7.20 5.76 1.39
CA SER A 207 7.42 5.02 0.15
C SER A 207 8.88 4.97 -0.26
N GLY A 208 9.72 5.83 0.29
CA GLY A 208 11.11 5.87 -0.15
C GLY A 208 11.26 6.36 -1.57
N THR A 209 10.40 7.25 -2.01
CA THR A 209 10.51 7.78 -3.37
C THR A 209 10.91 9.24 -3.42
N SER A 210 10.97 9.94 -2.29
CA SER A 210 11.43 11.32 -2.22
C SER A 210 12.72 11.40 -1.43
N ALA A 211 13.61 12.30 -1.85
CA ALA A 211 14.83 12.59 -1.13
C ALA A 211 14.61 13.43 0.11
N THR A 212 13.40 13.96 0.30
CA THR A 212 13.10 14.79 1.48
CA THR A 212 13.11 14.78 1.48
C THR A 212 12.60 13.91 2.61
N CYS A 213 13.18 14.08 3.80
CA CYS A 213 12.75 13.38 5.00
CA CYS A 213 12.63 13.35 4.92
C CYS A 213 11.83 14.28 5.81
N VAL A 214 10.90 13.65 6.55
CA VAL A 214 9.90 14.41 7.30
C VAL A 214 10.55 15.34 8.30
N SER A 215 11.55 14.84 9.04
CA SER A 215 12.18 15.59 10.11
C SER A 215 13.48 14.91 10.47
N SER A 216 14.27 15.56 11.33
CA SER A 216 15.53 14.98 11.72
C SER A 216 15.39 13.80 12.67
N THR A 217 14.18 13.50 13.16
CA THR A 217 13.96 12.37 14.07
C THR A 217 13.04 11.31 13.50
N ILE A 218 12.67 11.38 12.23
CA ILE A 218 11.58 10.53 11.74
C ILE A 218 11.96 9.07 11.74
N GLY A 219 13.23 8.75 11.52
CA GLY A 219 13.62 7.34 11.46
C GLY A 219 13.54 6.67 12.82
N GLN A 220 14.15 7.29 13.81
CA GLN A 220 14.10 6.74 15.15
C GLN A 220 12.65 6.66 15.65
N GLU A 221 11.81 7.65 15.29
CA GLU A 221 10.41 7.57 15.67
CA GLU A 221 10.40 7.60 15.66
C GLU A 221 9.70 6.37 15.06
N ARG A 222 9.98 6.08 13.79
CA ARG A 222 9.26 5.08 13.04
C ARG A 222 9.66 3.66 13.38
N ILE A 223 10.71 3.45 14.18
CA ILE A 223 11.12 2.11 14.56
C ILE A 223 10.94 1.82 16.04
N THR A 224 10.41 2.74 16.83
CA THR A 224 10.34 2.51 18.28
CA THR A 224 10.31 2.53 18.28
C THR A 224 9.34 1.40 18.64
N SER A 225 8.14 1.42 18.05
CA SER A 225 7.20 0.37 18.46
CA SER A 225 7.16 0.39 18.38
C SER A 225 7.63 -1.00 17.94
N ALA A 226 8.28 -1.06 16.78
CA ALA A 226 8.80 -2.34 16.30
C ALA A 226 9.89 -2.86 17.23
N THR A 227 10.74 -1.97 17.75
CA THR A 227 11.79 -2.37 18.67
C THR A 227 11.16 -3.00 19.91
N GLN A 228 10.13 -2.35 20.43
CA GLN A 228 9.47 -2.85 21.63
CA GLN A 228 9.46 -2.85 21.62
CA GLN A 228 9.45 -2.84 21.62
C GLN A 228 8.77 -4.19 21.35
N TRP A 229 8.20 -4.36 20.16
CA TRP A 229 7.56 -5.61 19.80
C TRP A 229 8.58 -6.75 19.75
N LEU A 230 9.72 -6.52 19.10
CA LEU A 230 10.75 -7.54 19.06
C LEU A 230 11.17 -7.94 20.47
N ARG A 231 11.40 -6.96 21.33
CA ARG A 231 11.87 -7.26 22.67
C ARG A 231 10.81 -8.01 23.47
N ALA A 232 9.56 -7.56 23.38
CA ALA A 232 8.49 -8.20 24.15
C ALA A 232 8.29 -9.64 23.73
N ASN A 233 8.56 -9.95 22.47
CA ASN A 233 8.32 -11.28 21.93
C ASN A 233 9.58 -12.13 21.84
N GLY A 234 10.70 -11.62 22.35
CA GLY A 234 11.94 -12.39 22.36
C GLY A 234 12.53 -12.64 20.99
N LYS A 235 12.35 -11.70 20.06
CA LYS A 235 12.75 -11.89 18.68
C LYS A 235 13.92 -10.95 18.35
N LYS A 236 14.55 -11.22 17.20
CA LYS A 236 15.58 -10.36 16.65
C LYS A 236 15.12 -9.83 15.29
N GLY A 237 15.56 -8.61 14.96
CA GLY A 237 15.18 -7.98 13.71
C GLY A 237 16.38 -7.46 12.94
N ILE A 238 16.11 -7.07 11.69
CA ILE A 238 17.09 -6.36 10.86
C ILE A 238 16.31 -5.36 10.03
N ILE A 239 16.89 -4.20 9.76
CA ILE A 239 16.33 -3.29 8.78
C ILE A 239 16.92 -3.67 7.42
N GLY A 240 16.11 -4.29 6.57
CA GLY A 240 16.62 -4.82 5.31
C GLY A 240 16.65 -3.84 4.16
N GLU A 241 15.92 -2.72 4.31
CA GLU A 241 15.97 -1.58 3.39
C GLU A 241 15.76 -0.31 4.20
N PHE A 242 16.61 0.68 3.98
CA PHE A 242 16.36 2.05 4.43
C PHE A 242 17.16 2.97 3.53
N ALA A 243 16.74 4.23 3.49
CA ALA A 243 17.46 5.24 2.71
C ALA A 243 16.94 6.59 3.12
N GLY A 244 17.73 7.62 2.77
CA GLY A 244 17.29 9.01 2.85
C GLY A 244 18.13 9.81 1.89
N GLY A 245 17.66 11.02 1.57
CA GLY A 245 18.35 11.85 0.61
C GLY A 245 19.64 12.44 1.14
N ALA A 246 20.48 12.89 0.21
CA ALA A 246 21.77 13.51 0.53
C ALA A 246 21.55 14.98 0.91
N ASN A 247 21.01 15.17 2.11
CA ASN A 247 20.72 16.50 2.66
C ASN A 247 20.81 16.44 4.17
N ASP A 248 20.85 17.63 4.80
CA ASP A 248 21.14 17.70 6.23
C ASP A 248 20.09 17.00 7.06
N VAL A 249 18.81 17.26 6.81
CA VAL A 249 17.74 16.67 7.61
C VAL A 249 17.79 15.15 7.52
N CYS A 250 17.93 14.61 6.31
CA CYS A 250 17.98 13.15 6.17
C CYS A 250 19.24 12.56 6.80
N GLU A 251 20.37 13.24 6.67
CA GLU A 251 21.61 12.77 7.31
CA GLU A 251 21.58 12.70 7.30
C GLU A 251 21.41 12.61 8.81
N THR A 252 20.80 13.62 9.43
CA THR A 252 20.53 13.56 10.86
C THR A 252 19.52 12.47 11.19
N ALA A 253 18.50 12.29 10.33
CA ALA A 253 17.51 11.25 10.61
C ALA A 253 18.14 9.88 10.54
N ILE A 254 19.04 9.68 9.58
CA ILE A 254 19.72 8.41 9.41
C ILE A 254 20.57 8.10 10.63
N THR A 255 21.40 9.06 11.06
CA THR A 255 22.25 8.74 12.19
CA THR A 255 22.27 8.88 12.22
C THR A 255 21.45 8.63 13.48
N GLY A 256 20.36 9.39 13.64
CA GLY A 256 19.55 9.21 14.83
C GLY A 256 18.90 7.84 14.89
N MET A 257 18.44 7.34 13.75
CA MET A 257 17.86 6.00 13.72
C MET A 257 18.90 4.94 14.02
N LEU A 258 20.08 5.03 13.39
CA LEU A 258 21.13 4.05 13.63
C LEU A 258 21.68 4.13 15.06
N ASP A 259 21.76 5.33 15.63
CA ASP A 259 22.20 5.47 17.03
C ASP A 259 21.21 4.82 17.98
N TYR A 260 19.92 4.93 17.68
CA TYR A 260 18.90 4.26 18.48
C TYR A 260 19.05 2.74 18.35
N MET A 261 19.17 2.24 17.11
CA MET A 261 19.39 0.80 16.94
C MET A 261 20.62 0.33 17.69
N ALA A 262 21.68 1.14 17.69
CA ALA A 262 22.92 0.76 18.35
C ALA A 262 22.77 0.61 19.87
N GLN A 263 21.80 1.29 20.47
CA GLN A 263 21.55 1.08 21.90
CA GLN A 263 21.52 1.13 21.89
C GLN A 263 20.48 0.04 22.15
N ASN A 264 20.11 -0.68 21.12
CA ASN A 264 19.06 -1.68 21.20
C ASN A 264 19.47 -2.91 20.41
N THR A 265 20.75 -3.28 20.52
CA THR A 265 21.26 -4.43 19.78
C THR A 265 20.85 -5.75 20.40
N ASP A 266 20.20 -5.75 21.57
CA ASP A 266 19.57 -6.97 22.03
C ASP A 266 18.53 -7.44 21.03
N VAL A 267 17.91 -6.53 20.28
CA VAL A 267 16.98 -6.93 19.24
C VAL A 267 17.45 -6.60 17.82
N TRP A 268 18.17 -5.50 17.60
CA TRP A 268 18.56 -5.14 16.24
C TRP A 268 19.91 -5.72 15.85
N THR A 269 19.92 -6.53 14.79
CA THR A 269 21.12 -7.14 14.23
CA THR A 269 21.14 -7.11 14.28
C THR A 269 21.82 -6.26 13.22
N GLY A 270 21.19 -5.16 12.78
CA GLY A 270 21.85 -4.27 11.84
C GLY A 270 20.90 -3.73 10.79
N ALA A 271 21.48 -3.29 9.68
CA ALA A 271 20.76 -2.50 8.69
C ALA A 271 21.40 -2.63 7.32
N ILE A 272 20.57 -2.48 6.28
CA ILE A 272 20.97 -2.66 4.89
C ILE A 272 20.40 -1.51 4.06
N TRP A 273 21.27 -0.70 3.46
CA TRP A 273 20.88 0.45 2.66
C TRP A 273 20.22 0.03 1.35
N TRP A 274 19.26 0.83 0.87
CA TRP A 274 18.70 0.70 -0.48
C TRP A 274 19.16 1.92 -1.26
N ALA A 275 20.02 1.76 -2.29
CA ALA A 275 20.58 0.50 -2.82
C ALA A 275 21.79 0.83 -3.64
N ALA A 276 22.66 -0.15 -3.78
CA ALA A 276 23.71 -0.19 -4.78
C ALA A 276 23.24 -1.03 -5.96
N GLY A 277 24.14 -1.22 -6.94
CA GLY A 277 23.83 -1.93 -8.16
C GLY A 277 24.28 -1.11 -9.35
N PRO A 278 24.45 -1.73 -10.52
CA PRO A 278 25.16 -1.06 -11.63
C PRO A 278 24.31 -0.19 -12.54
N TRP A 279 22.98 -0.18 -12.41
CA TRP A 279 22.09 0.51 -13.34
C TRP A 279 21.28 1.61 -12.66
N TRP A 280 21.82 2.24 -11.61
CA TRP A 280 21.08 3.30 -10.94
C TRP A 280 21.37 4.70 -11.47
N GLY A 281 22.50 4.91 -12.14
CA GLY A 281 22.81 6.25 -12.64
C GLY A 281 22.73 7.28 -11.53
N ASP A 282 21.97 8.36 -11.81
CA ASP A 282 21.84 9.48 -10.89
C ASP A 282 20.76 9.26 -9.80
N TYR A 283 20.34 8.03 -9.56
CA TYR A 283 19.37 7.75 -8.50
C TYR A 283 19.74 8.44 -7.18
N ILE A 284 18.73 9.04 -6.55
CA ILE A 284 18.91 9.78 -5.30
C ILE A 284 19.53 8.96 -4.19
N PHE A 285 19.38 7.62 -4.21
CA PHE A 285 19.86 6.77 -3.13
C PHE A 285 21.00 5.84 -3.56
N SER A 286 21.66 6.09 -4.69
CA SER A 286 22.61 5.09 -5.20
C SER A 286 23.84 5.00 -4.34
N MET A 287 24.08 3.81 -3.80
CA MET A 287 25.26 3.46 -3.02
C MET A 287 26.34 2.82 -3.91
N GLU A 288 26.18 2.87 -5.23
CA GLU A 288 27.14 2.21 -6.13
C GLU A 288 28.44 2.99 -6.24
N PRO A 289 29.59 2.41 -5.88
CA PRO A 289 30.86 3.09 -6.16
CA PRO A 289 30.87 3.06 -6.15
C PRO A 289 31.09 3.18 -7.67
N ASP A 290 31.84 4.21 -8.09
CA ASP A 290 32.46 5.23 -7.24
C ASP A 290 31.68 6.55 -7.23
N ASN A 291 30.57 6.65 -7.97
CA ASN A 291 29.93 7.93 -8.21
C ASN A 291 28.49 8.02 -7.78
N GLY A 292 27.92 6.99 -7.15
CA GLY A 292 26.56 7.10 -6.67
C GLY A 292 26.44 8.19 -5.62
N ILE A 293 25.30 8.88 -5.64
CA ILE A 293 25.08 10.00 -4.73
C ILE A 293 25.22 9.58 -3.27
N ALA A 294 24.60 8.44 -2.91
CA ALA A 294 24.73 7.98 -1.53
C ALA A 294 26.13 7.47 -1.23
N TYR A 295 26.79 6.86 -2.20
CA TYR A 295 28.18 6.44 -2.01
C TYR A 295 29.06 7.62 -1.65
N GLN A 296 28.87 8.75 -2.35
CA GLN A 296 29.71 9.91 -2.09
C GLN A 296 29.28 10.66 -0.84
N GLN A 297 27.97 10.85 -0.66
CA GLN A 297 27.51 11.81 0.34
C GLN A 297 26.93 11.19 1.59
N ILE A 298 26.46 9.94 1.54
CA ILE A 298 25.89 9.27 2.72
C ILE A 298 26.90 8.35 3.38
N LEU A 299 27.64 7.56 2.59
CA LEU A 299 28.59 6.62 3.18
C LEU A 299 29.52 7.25 4.22
N PRO A 300 29.98 8.50 4.08
CA PRO A 300 30.81 9.08 5.15
C PRO A 300 30.11 9.16 6.49
N ILE A 301 28.78 9.34 6.52
CA ILE A 301 28.09 9.42 7.80
C ILE A 301 27.82 8.04 8.36
N LEU A 302 27.98 6.97 7.57
CA LEU A 302 27.78 5.61 8.03
C LEU A 302 29.05 4.96 8.54
N THR A 303 30.21 5.56 8.27
CA THR A 303 31.47 4.95 8.69
C THR A 303 31.56 4.66 10.18
N PRO A 304 30.96 5.42 11.09
CA PRO A 304 31.01 5.04 12.51
C PRO A 304 30.34 3.71 12.83
N TYR A 305 29.54 3.15 11.93
CA TYR A 305 28.89 1.87 12.17
C TYR A 305 29.58 0.74 11.43
N LEU A 306 30.74 0.98 10.85
CA LEU A 306 31.43 -0.07 10.09
C LEU A 306 32.73 -0.50 10.75
N ALA B 2 -33.19 4.82 -19.33
CA ALA B 2 -32.17 5.71 -19.86
C ALA B 2 -30.81 5.44 -19.23
N LYS B 3 -30.71 5.64 -17.91
CA LYS B 3 -29.45 5.44 -17.23
C LYS B 3 -29.15 3.95 -17.07
N VAL B 4 -27.87 3.61 -17.08
CA VAL B 4 -27.42 2.23 -17.01
C VAL B 4 -27.31 1.73 -15.57
N PHE B 5 -26.87 2.58 -14.66
CA PHE B 5 -26.58 2.19 -13.29
C PHE B 5 -27.55 2.90 -12.35
N GLN B 6 -27.67 2.34 -11.14
CA GLN B 6 -28.42 3.02 -10.09
C GLN B 6 -27.84 4.41 -9.81
N TRP B 7 -26.51 4.51 -9.73
CA TRP B 7 -25.80 5.74 -9.37
C TRP B 7 -24.64 5.97 -10.31
N PHE B 8 -24.44 7.22 -10.72
CA PHE B 8 -23.25 7.58 -11.48
C PHE B 8 -22.98 9.06 -11.24
N GLY B 9 -21.77 9.38 -10.78
CA GLY B 9 -21.54 10.77 -10.44
C GLY B 9 -20.10 11.09 -10.14
N SER B 10 -19.88 12.00 -9.19
CA SER B 10 -18.54 12.53 -8.98
CA SER B 10 -18.52 12.48 -8.97
C SER B 10 -18.29 12.84 -7.51
N ASN B 11 -17.04 12.71 -7.09
CA ASN B 11 -16.59 13.28 -5.84
C ASN B 11 -16.55 14.79 -5.99
N GLU B 12 -16.81 15.48 -4.89
CA GLU B 12 -16.83 16.95 -4.80
C GLU B 12 -15.88 17.28 -3.67
N SER B 13 -14.61 17.44 -4.01
CA SER B 13 -13.51 17.52 -3.08
CA SER B 13 -13.54 17.53 -3.03
C SER B 13 -13.17 18.97 -2.77
N GLY B 14 -12.73 19.21 -1.54
CA GLY B 14 -12.32 20.54 -1.14
C GLY B 14 -12.37 20.73 0.37
N ALA B 15 -13.36 20.15 1.07
CA ALA B 15 -13.51 20.41 2.49
C ALA B 15 -12.47 19.67 3.31
N GLU B 16 -11.77 18.73 2.69
CA GLU B 16 -10.70 17.96 3.29
C GLU B 16 -9.33 18.45 2.86
N PHE B 17 -9.25 19.53 2.09
CA PHE B 17 -7.97 20.06 1.65
C PHE B 17 -7.21 20.60 2.84
N GLY B 18 -5.90 20.79 2.65
CA GLY B 18 -5.07 21.43 3.66
C GLY B 18 -5.12 20.71 4.99
N SER B 19 -5.10 19.37 4.95
CA SER B 19 -5.37 18.55 6.13
C SER B 19 -4.31 18.70 7.21
N GLN B 20 -3.13 19.23 6.86
CA GLN B 20 -2.10 19.47 7.86
CA GLN B 20 -2.11 19.46 7.88
CA GLN B 20 -2.11 19.47 7.88
C GLN B 20 -2.47 20.60 8.82
N ASN B 21 -3.49 21.39 8.49
CA ASN B 21 -3.91 22.53 9.30
C ASN B 21 -5.27 22.23 9.93
N LEU B 22 -5.26 21.95 11.23
CA LEU B 22 -6.48 21.66 11.97
C LEU B 22 -6.60 22.66 13.12
N PRO B 23 -7.76 23.35 13.27
CA PRO B 23 -8.98 23.24 12.45
C PRO B 23 -8.82 23.74 11.03
N GLY B 24 -7.86 24.62 10.76
CA GLY B 24 -7.76 25.24 9.45
C GLY B 24 -8.80 26.33 9.28
N VAL B 25 -8.70 27.09 8.19
CA VAL B 25 -9.55 28.26 7.97
C VAL B 25 -10.29 28.08 6.64
N GLU B 26 -11.61 28.14 6.68
CA GLU B 26 -12.37 28.03 5.44
C GLU B 26 -12.00 29.17 4.51
N GLY B 27 -11.87 28.85 3.23
CA GLY B 27 -11.45 29.80 2.22
C GLY B 27 -9.97 29.98 2.09
N LYS B 28 -9.20 29.44 3.04
CA LYS B 28 -7.73 29.48 3.00
CA LYS B 28 -7.74 29.47 3.00
C LYS B 28 -7.15 28.07 2.91
N ASP B 29 -7.48 27.20 3.86
CA ASP B 29 -6.99 25.82 3.86
C ASP B 29 -7.93 24.86 3.15
N TYR B 30 -9.22 25.15 3.13
CA TYR B 30 -10.20 24.25 2.56
C TYR B 30 -11.37 25.06 2.03
N ILE B 31 -12.22 24.41 1.24
CA ILE B 31 -13.38 25.07 0.67
CA ILE B 31 -13.34 25.07 0.57
C ILE B 31 -14.44 24.02 0.40
N TRP B 32 -15.69 24.43 0.46
CA TRP B 32 -16.79 23.50 0.17
C TRP B 32 -17.17 23.55 -1.31
N PRO B 33 -17.83 22.51 -1.81
CA PRO B 33 -18.18 22.48 -3.24
C PRO B 33 -19.10 23.60 -3.66
N ASP B 34 -19.06 23.92 -4.96
CA ASP B 34 -19.87 24.97 -5.54
C ASP B 34 -21.21 24.39 -5.99
N PRO B 35 -22.33 24.78 -5.38
CA PRO B 35 -23.62 24.20 -5.80
CA PRO B 35 -23.62 24.21 -5.80
C PRO B 35 -23.95 24.47 -7.27
N ASN B 36 -23.44 25.56 -7.84
CA ASN B 36 -23.76 25.87 -9.22
CA ASN B 36 -23.77 25.88 -9.23
C ASN B 36 -23.08 24.90 -10.18
N THR B 37 -21.86 24.48 -9.87
CA THR B 37 -21.22 23.53 -10.77
C THR B 37 -21.74 22.11 -10.55
N ILE B 38 -22.15 21.78 -9.32
CA ILE B 38 -22.90 20.54 -9.11
C ILE B 38 -24.15 20.53 -9.98
N ASP B 39 -24.86 21.66 -10.05
CA ASP B 39 -26.05 21.73 -10.89
CA ASP B 39 -26.05 21.73 -10.89
C ASP B 39 -25.74 21.38 -12.34
N THR B 40 -24.61 21.88 -12.85
CA THR B 40 -24.20 21.55 -14.21
C THR B 40 -24.01 20.04 -14.36
N LEU B 41 -23.30 19.41 -13.41
CA LEU B 41 -23.11 17.97 -13.51
C LEU B 41 -24.43 17.20 -13.44
N ILE B 42 -25.38 17.69 -12.64
CA ILE B 42 -26.72 17.09 -12.62
C ILE B 42 -27.40 17.21 -13.98
N SER B 43 -27.24 18.35 -14.64
CA SER B 43 -27.86 18.52 -15.94
CA SER B 43 -27.86 18.52 -15.95
C SER B 43 -27.27 17.57 -16.98
N LYS B 44 -26.04 17.10 -16.77
CA LYS B 44 -25.40 16.15 -17.67
C LYS B 44 -25.79 14.72 -17.34
N GLY B 45 -26.54 14.49 -16.27
CA GLY B 45 -27.07 13.18 -15.94
C GLY B 45 -26.48 12.54 -14.71
N MET B 46 -25.56 13.19 -14.01
CA MET B 46 -25.03 12.60 -12.78
C MET B 46 -26.04 12.72 -11.66
N ASN B 47 -26.10 11.70 -10.80
CA ASN B 47 -27.12 11.64 -9.76
C ASN B 47 -26.58 11.31 -8.38
N ILE B 48 -25.26 11.36 -8.20
CA ILE B 48 -24.64 11.10 -6.89
C ILE B 48 -23.39 11.94 -6.78
N PHE B 49 -23.19 12.54 -5.60
CA PHE B 49 -22.03 13.38 -5.32
C PHE B 49 -21.47 13.01 -3.97
N ARG B 50 -20.20 12.62 -3.93
CA ARG B 50 -19.54 12.22 -2.70
C ARG B 50 -18.76 13.41 -2.15
N VAL B 51 -19.01 13.73 -0.89
CA VAL B 51 -18.50 14.95 -0.27
C VAL B 51 -17.50 14.61 0.83
N PRO B 52 -16.20 14.58 0.54
CA PRO B 52 -15.21 14.38 1.59
C PRO B 52 -15.19 15.53 2.59
N PHE B 53 -14.89 15.20 3.84
CA PHE B 53 -14.68 16.19 4.89
C PHE B 53 -13.78 15.54 5.94
N MET B 54 -13.20 16.34 6.83
CA MET B 54 -12.35 15.79 7.88
CA MET B 54 -12.34 15.82 7.89
C MET B 54 -13.14 15.59 9.17
N MET B 55 -13.01 14.40 9.75
CA MET B 55 -13.62 14.14 11.06
C MET B 55 -13.21 15.19 12.08
N GLU B 56 -11.95 15.59 12.07
CA GLU B 56 -11.42 16.48 13.08
C GLU B 56 -11.98 17.89 12.95
N ARG B 57 -12.38 18.28 11.75
CA ARG B 57 -13.01 19.58 11.54
C ARG B 57 -14.48 19.53 11.91
N LEU B 58 -15.15 18.39 11.68
CA LEU B 58 -16.57 18.28 12.00
C LEU B 58 -16.79 18.07 13.49
N VAL B 59 -15.98 17.25 14.12
CA VAL B 59 -16.12 16.91 15.54
C VAL B 59 -14.73 17.01 16.15
N PRO B 60 -14.31 18.20 16.59
CA PRO B 60 -12.92 18.40 16.99
C PRO B 60 -12.55 17.70 18.30
N ASN B 61 -11.26 17.38 18.41
CA ASN B 61 -10.59 16.86 19.61
C ASN B 61 -10.95 15.43 20.01
N SER B 62 -12.22 15.19 20.32
CA SER B 62 -12.72 13.86 20.65
C SER B 62 -13.89 13.55 19.72
N MET B 63 -13.88 12.36 19.11
CA MET B 63 -14.93 12.05 18.15
C MET B 63 -16.27 11.81 18.83
N THR B 64 -16.30 11.72 20.16
CA THR B 64 -17.53 11.57 20.92
C THR B 64 -18.09 12.92 21.35
N GLY B 65 -17.45 14.01 20.96
CA GLY B 65 -17.87 15.33 21.36
C GLY B 65 -18.91 15.95 20.45
N SER B 66 -19.18 17.23 20.70
CA SER B 66 -20.14 18.00 19.92
CA SER B 66 -20.15 17.95 19.91
C SER B 66 -19.54 18.42 18.58
N PRO B 67 -20.35 18.55 17.55
CA PRO B 67 -19.83 19.03 16.27
C PRO B 67 -19.46 20.50 16.34
N ASP B 68 -18.57 20.89 15.44
CA ASP B 68 -18.27 22.30 15.23
C ASP B 68 -19.40 22.93 14.42
N PRO B 69 -20.16 23.89 14.98
CA PRO B 69 -21.34 24.37 14.25
C PRO B 69 -21.06 24.97 12.89
N ASN B 70 -19.95 25.67 12.71
CA ASN B 70 -19.71 26.34 11.44
C ASN B 70 -19.31 25.37 10.33
N TYR B 71 -18.44 24.41 10.63
CA TYR B 71 -18.11 23.42 9.60
C TYR B 71 -19.31 22.52 9.32
N LEU B 72 -20.04 22.14 10.37
CA LEU B 72 -21.27 21.39 10.19
C LEU B 72 -22.26 22.14 9.30
N ALA B 73 -22.41 23.46 9.51
CA ALA B 73 -23.35 24.22 8.71
C ALA B 73 -23.04 24.12 7.22
N ASP B 74 -21.76 24.13 6.85
CA ASP B 74 -21.40 24.02 5.44
C ASP B 74 -21.57 22.60 4.93
N LEU B 75 -21.30 21.57 5.76
CA LEU B 75 -21.62 20.21 5.34
C LEU B 75 -23.11 20.09 5.05
N ILE B 76 -23.95 20.58 5.97
CA ILE B 76 -25.40 20.50 5.79
C ILE B 76 -25.82 21.25 4.54
N ALA B 77 -25.29 22.46 4.35
CA ALA B 77 -25.68 23.25 3.17
C ALA B 77 -25.31 22.52 1.89
N THR B 78 -24.12 21.93 1.85
CA THR B 78 -23.68 21.20 0.65
C THR B 78 -24.57 20.01 0.38
N VAL B 79 -24.81 19.21 1.42
CA VAL B 79 -25.63 18.02 1.28
C VAL B 79 -27.04 18.38 0.82
N ASN B 80 -27.67 19.35 1.49
CA ASN B 80 -29.07 19.57 1.21
CA ASN B 80 -29.07 19.69 1.23
C ASN B 80 -29.26 20.23 -0.16
N ALA B 81 -28.25 20.95 -0.65
CA ALA B 81 -28.35 21.49 -2.01
C ALA B 81 -28.29 20.38 -3.04
N ILE B 82 -27.49 19.33 -2.80
CA ILE B 82 -27.50 18.15 -3.67
C ILE B 82 -28.86 17.47 -3.64
N THR B 83 -29.35 17.19 -2.44
CA THR B 83 -30.57 16.40 -2.33
C THR B 83 -31.81 17.20 -2.75
N GLN B 84 -31.80 18.52 -2.58
CA GLN B 84 -32.93 19.32 -3.06
C GLN B 84 -33.08 19.22 -4.57
N LYS B 85 -32.00 18.91 -5.28
CA LYS B 85 -32.05 18.67 -6.71
C LYS B 85 -32.43 17.23 -7.08
N GLY B 86 -32.61 16.36 -6.09
CA GLY B 86 -32.98 14.99 -6.32
C GLY B 86 -31.83 14.01 -6.44
N ALA B 87 -30.60 14.49 -6.32
CA ALA B 87 -29.43 13.63 -6.36
C ALA B 87 -29.07 13.13 -4.97
N TYR B 88 -28.34 12.04 -4.93
CA TYR B 88 -27.83 11.49 -3.68
C TYR B 88 -26.53 12.18 -3.26
N ALA B 89 -26.39 12.41 -1.95
CA ALA B 89 -25.19 13.03 -1.37
C ALA B 89 -24.52 12.06 -0.42
N VAL B 90 -23.26 11.72 -0.69
CA VAL B 90 -22.51 10.80 0.15
C VAL B 90 -21.69 11.59 1.15
N VAL B 91 -21.97 11.35 2.43
CA VAL B 91 -21.29 12.00 3.54
C VAL B 91 -20.06 11.14 3.86
N ASP B 92 -18.86 11.66 3.52
CA ASP B 92 -17.61 10.90 3.55
C ASP B 92 -16.60 11.48 4.52
N PRO B 93 -16.49 10.94 5.76
CA PRO B 93 -15.39 11.31 6.64
C PRO B 93 -14.13 10.71 6.05
N HIS B 94 -13.31 11.58 5.46
CA HIS B 94 -12.27 11.18 4.51
C HIS B 94 -10.98 10.94 5.28
N ASN B 95 -11.03 9.92 6.14
CA ASN B 95 -10.10 9.86 7.26
C ASN B 95 -9.20 8.64 7.32
N TYR B 96 -9.30 7.68 6.41
CA TYR B 96 -8.29 6.61 6.31
C TYR B 96 -8.25 5.77 7.57
N GLY B 97 -9.37 5.66 8.28
CA GLY B 97 -9.40 4.90 9.51
C GLY B 97 -8.65 5.54 10.67
N ARG B 98 -8.34 6.83 10.59
CA ARG B 98 -7.47 7.51 11.53
C ARG B 98 -8.11 8.83 11.96
N TYR B 99 -7.73 9.28 13.16
CA TYR B 99 -8.25 10.50 13.75
C TYR B 99 -7.06 11.15 14.44
N TYR B 100 -6.76 12.39 14.04
CA TYR B 100 -5.47 13.01 14.40
C TYR B 100 -4.29 12.09 14.08
N ASN B 101 -4.40 11.41 12.95
CA ASN B 101 -3.39 10.50 12.37
CA ASN B 101 -3.34 10.54 12.40
C ASN B 101 -3.07 9.30 13.24
N SER B 102 -3.96 8.97 14.19
CA SER B 102 -3.86 7.73 14.95
CA SER B 102 -3.86 7.74 14.96
C SER B 102 -5.00 6.81 14.56
N ILE B 103 -4.71 5.52 14.41
CA ILE B 103 -5.74 4.56 14.07
C ILE B 103 -6.91 4.66 15.05
N ILE B 104 -8.13 4.66 14.52
CA ILE B 104 -9.35 4.64 15.33
C ILE B 104 -9.48 3.26 15.94
N SER B 105 -9.14 3.12 17.22
CA SER B 105 -9.06 1.82 17.85
C SER B 105 -10.27 1.52 18.72
N SER B 106 -11.20 2.47 18.86
CA SER B 106 -12.38 2.27 19.70
C SER B 106 -13.64 2.23 18.85
N PRO B 107 -14.21 1.04 18.57
CA PRO B 107 -15.49 1.00 17.86
C PRO B 107 -16.58 1.75 18.61
N SER B 108 -16.56 1.74 19.94
CA SER B 108 -17.60 2.43 20.70
CA SER B 108 -17.63 2.43 20.65
C SER B 108 -17.54 3.94 20.45
N ASP B 109 -16.33 4.51 20.46
CA ASP B 109 -16.21 5.94 20.18
C ASP B 109 -16.65 6.26 18.75
N PHE B 110 -16.31 5.38 17.82
CA PHE B 110 -16.67 5.58 16.42
C PHE B 110 -18.17 5.49 16.24
N GLN B 111 -18.82 4.59 16.97
CA GLN B 111 -20.27 4.49 16.92
C GLN B 111 -20.94 5.78 17.42
N THR B 112 -20.41 6.38 18.48
CA THR B 112 -20.96 7.65 18.95
C THR B 112 -20.77 8.75 17.92
N PHE B 113 -19.59 8.84 17.32
CA PHE B 113 -19.36 9.77 16.22
C PHE B 113 -20.44 9.60 15.15
N TRP B 114 -20.72 8.35 14.78
CA TRP B 114 -21.69 8.11 13.71
C TRP B 114 -23.11 8.39 14.13
N LYS B 115 -23.49 8.16 15.39
CA LYS B 115 -24.81 8.60 15.83
C LYS B 115 -24.92 10.11 15.73
N THR B 116 -23.87 10.81 16.14
CA THR B 116 -23.86 12.28 16.03
C THR B 116 -24.07 12.73 14.58
N VAL B 117 -23.31 12.16 13.64
CA VAL B 117 -23.39 12.60 12.25
C VAL B 117 -24.75 12.24 11.66
N ALA B 118 -25.18 10.98 11.86
CA ALA B 118 -26.43 10.54 11.26
C ALA B 118 -27.61 11.33 11.79
N SER B 119 -27.54 11.76 13.05
CA SER B 119 -28.63 12.54 13.63
CA SER B 119 -28.65 12.52 13.60
C SER B 119 -28.86 13.86 12.88
N GLN B 120 -27.85 14.36 12.18
CA GLN B 120 -28.01 15.60 11.42
C GLN B 120 -28.75 15.39 10.12
N PHE B 121 -28.90 14.15 9.67
CA PHE B 121 -29.43 13.84 8.35
C PHE B 121 -30.52 12.78 8.40
N ALA B 122 -31.07 12.49 9.58
CA ALA B 122 -31.76 11.21 9.77
C ALA B 122 -33.04 11.10 8.94
N SER B 123 -33.68 12.21 8.62
CA SER B 123 -34.92 12.17 7.85
C SER B 123 -34.72 12.41 6.35
N ASN B 124 -33.48 12.49 5.87
CA ASN B 124 -33.24 12.76 4.46
C ASN B 124 -32.88 11.47 3.75
N PRO B 125 -33.78 10.89 2.94
CA PRO B 125 -33.50 9.58 2.32
C PRO B 125 -32.50 9.63 1.18
N LEU B 126 -32.07 10.80 0.73
CA LEU B 126 -31.10 10.90 -0.35
C LEU B 126 -29.69 11.10 0.16
N VAL B 127 -29.51 11.12 1.49
CA VAL B 127 -28.17 11.06 2.07
C VAL B 127 -27.70 9.62 2.09
N ILE B 128 -26.42 9.42 1.78
CA ILE B 128 -25.75 8.13 1.88
C ILE B 128 -24.61 8.33 2.86
N PHE B 129 -24.48 7.44 3.84
CA PHE B 129 -23.41 7.54 4.84
C PHE B 129 -22.25 6.64 4.44
N ASP B 130 -21.04 7.16 4.41
CA ASP B 130 -19.86 6.39 4.01
C ASP B 130 -18.99 6.24 5.26
N THR B 131 -18.76 4.99 5.75
CA THR B 131 -18.25 4.85 7.12
C THR B 131 -16.92 5.56 7.32
N ASN B 132 -16.00 5.42 6.38
CA ASN B 132 -14.72 6.13 6.39
C ASN B 132 -14.04 5.87 5.05
N ASN B 133 -13.28 6.85 4.58
CA ASN B 133 -12.55 6.68 3.33
C ASN B 133 -11.30 5.82 3.54
N ALA B 134 -11.20 4.71 2.82
CA ALA B 134 -9.90 4.05 2.55
C ALA B 134 -9.10 3.67 3.81
N TYR B 135 -9.70 2.83 4.65
CA TYR B 135 -8.94 2.17 5.72
C TYR B 135 -7.69 1.51 5.13
N HIS B 136 -6.58 1.54 5.86
CA HIS B 136 -5.36 0.88 5.37
C HIS B 136 -4.42 0.61 6.55
N ASP B 137 -3.51 -0.34 6.36
CA ASP B 137 -2.41 -0.62 7.32
C ASP B 137 -2.91 -0.68 8.76
N MET B 138 -3.89 -1.55 8.98
CA MET B 138 -4.51 -1.67 10.29
C MET B 138 -5.15 -3.06 10.37
N ASP B 139 -5.50 -3.45 11.59
CA ASP B 139 -6.00 -4.79 11.84
C ASP B 139 -7.30 -5.05 11.08
N GLN B 140 -7.42 -6.23 10.46
CA GLN B 140 -8.54 -6.52 9.58
C GLN B 140 -9.84 -6.73 10.34
N THR B 141 -9.78 -7.30 11.55
CA THR B 141 -10.98 -7.41 12.37
C THR B 141 -11.42 -6.04 12.86
N LEU B 142 -10.47 -5.16 13.19
CA LEU B 142 -10.83 -3.80 13.55
C LEU B 142 -11.57 -3.10 12.41
N VAL B 143 -11.12 -3.25 11.16
CA VAL B 143 -11.85 -2.61 10.05
C VAL B 143 -13.29 -3.10 9.99
N LEU B 144 -13.50 -4.41 10.10
CA LEU B 144 -14.85 -4.96 10.16
C LEU B 144 -15.63 -4.32 11.31
N ASN B 145 -15.04 -4.28 12.51
CA ASN B 145 -15.76 -3.79 13.68
C ASN B 145 -16.06 -2.29 13.57
N LEU B 146 -15.18 -1.51 12.94
CA LEU B 146 -15.45 -0.09 12.76
C LEU B 146 -16.62 0.12 11.80
N ASN B 147 -16.65 -0.64 10.71
CA ASN B 147 -17.78 -0.53 9.79
C ASN B 147 -19.07 -0.90 10.50
N GLN B 148 -19.04 -1.96 11.31
CA GLN B 148 -20.27 -2.37 11.99
C GLN B 148 -20.69 -1.34 13.03
N ALA B 149 -19.73 -0.75 13.74
CA ALA B 149 -20.05 0.29 14.72
C ALA B 149 -20.70 1.49 14.04
N ALA B 150 -20.21 1.86 12.86
CA ALA B 150 -20.80 2.95 12.11
C ALA B 150 -22.24 2.64 11.74
N ILE B 151 -22.50 1.45 11.20
CA ILE B 151 -23.86 1.07 10.86
C ILE B 151 -24.74 1.15 12.11
N ASP B 152 -24.27 0.61 13.22
CA ASP B 152 -25.09 0.57 14.43
C ASP B 152 -25.39 1.98 14.92
N GLY B 153 -24.40 2.88 14.84
CA GLY B 153 -24.64 4.25 15.26
C GLY B 153 -25.63 4.96 14.36
N ILE B 154 -25.48 4.79 13.05
CA ILE B 154 -26.39 5.40 12.08
C ILE B 154 -27.82 4.93 12.33
N ARG B 155 -28.02 3.61 12.43
CA ARG B 155 -29.38 3.11 12.60
C ARG B 155 -29.95 3.49 13.96
N SER B 156 -29.10 3.57 14.99
CA SER B 156 -29.56 3.99 16.33
C SER B 156 -30.11 5.40 16.34
N ALA B 157 -29.69 6.26 15.41
CA ALA B 157 -30.18 7.63 15.30
C ALA B 157 -31.52 7.71 14.61
N GLY B 158 -32.08 6.59 14.16
CA GLY B 158 -33.29 6.62 13.37
C GLY B 158 -33.06 6.93 11.91
N ALA B 159 -31.81 6.94 11.46
CA ALA B 159 -31.49 7.12 10.04
C ALA B 159 -31.56 5.74 9.42
N THR B 160 -32.78 5.32 9.07
CA THR B 160 -33.02 3.96 8.61
C THR B 160 -33.32 3.85 7.13
N SER B 161 -33.58 4.96 6.45
CA SER B 161 -33.91 4.91 5.02
C SER B 161 -32.68 4.94 4.13
N GLN B 162 -31.53 5.33 4.66
CA GLN B 162 -30.37 5.68 3.85
C GLN B 162 -29.50 4.46 3.58
N TYR B 163 -28.92 4.45 2.37
CA TYR B 163 -27.84 3.50 2.10
C TYR B 163 -26.61 3.84 2.93
N ILE B 164 -25.84 2.80 3.25
CA ILE B 164 -24.56 2.95 3.93
C ILE B 164 -23.50 2.33 3.03
N PHE B 165 -22.52 3.13 2.65
CA PHE B 165 -21.35 2.66 1.92
C PHE B 165 -20.31 2.23 2.94
N VAL B 166 -19.96 0.94 2.91
CA VAL B 166 -18.89 0.41 3.76
C VAL B 166 -17.62 0.34 2.94
N GLU B 167 -16.46 0.50 3.60
CA GLU B 167 -15.17 0.47 2.93
C GLU B 167 -14.25 -0.50 3.62
N GLY B 168 -13.44 -1.19 2.82
CA GLY B 168 -12.50 -2.15 3.35
C GLY B 168 -11.10 -1.62 3.55
N ASN B 169 -10.24 -2.54 4.00
CA ASN B 169 -8.80 -2.31 4.17
C ASN B 169 -8.11 -2.25 2.80
N SER B 170 -6.80 -2.06 2.81
CA SER B 170 -6.03 -1.92 1.56
C SER B 170 -6.59 -0.78 0.73
N TRP B 171 -6.93 0.33 1.39
CA TRP B 171 -7.41 1.52 0.72
C TRP B 171 -8.68 1.24 -0.06
N THR B 172 -9.45 0.25 0.43
CA THR B 172 -10.68 -0.25 -0.19
C THR B 172 -10.53 -0.53 -1.70
N GLY B 173 -9.34 -0.97 -2.11
CA GLY B 173 -9.11 -1.19 -3.54
C GLY B 173 -9.90 -2.39 -4.05
N ALA B 174 -10.47 -2.25 -5.25
CA ALA B 174 -11.16 -3.40 -5.84
C ALA B 174 -10.18 -4.51 -6.18
N TRP B 175 -9.01 -4.17 -6.71
CA TRP B 175 -8.08 -5.20 -7.18
C TRP B 175 -7.54 -6.05 -6.07
N THR B 176 -7.54 -5.56 -4.84
CA THR B 176 -7.02 -6.28 -3.70
C THR B 176 -8.13 -6.82 -2.80
N TRP B 177 -9.40 -6.64 -3.20
CA TRP B 177 -10.52 -6.89 -2.31
C TRP B 177 -10.58 -8.34 -1.82
N THR B 178 -10.55 -9.30 -2.74
CA THR B 178 -10.92 -10.66 -2.38
CA THR B 178 -10.91 -10.66 -2.39
C THR B 178 -9.95 -11.27 -1.36
N ASN B 179 -8.67 -11.01 -1.48
CA ASN B 179 -7.80 -11.67 -0.52
C ASN B 179 -7.51 -10.85 0.71
N VAL B 180 -7.97 -9.60 0.79
CA VAL B 180 -7.84 -8.83 2.01
C VAL B 180 -9.15 -8.76 2.79
N ASN B 181 -10.25 -8.47 2.08
CA ASN B 181 -11.47 -7.96 2.70
C ASN B 181 -12.60 -8.99 2.73
N ASP B 182 -12.29 -10.27 2.63
CA ASP B 182 -13.33 -11.29 2.63
CA ASP B 182 -13.37 -11.26 2.61
C ASP B 182 -14.21 -11.19 3.89
N ASN B 183 -13.61 -10.87 5.03
CA ASN B 183 -14.39 -10.83 6.28
C ASN B 183 -15.49 -9.78 6.26
N MET B 184 -15.42 -8.80 5.35
CA MET B 184 -16.42 -7.75 5.29
C MET B 184 -17.79 -8.28 4.91
N LYS B 185 -17.87 -9.49 4.36
CA LYS B 185 -19.16 -10.08 4.04
C LYS B 185 -20.04 -10.26 5.27
N SER B 186 -19.46 -10.26 6.47
CA SER B 186 -20.26 -10.51 7.66
CA SER B 186 -20.18 -10.49 7.72
C SER B 186 -20.91 -9.26 8.26
N LEU B 187 -20.75 -8.10 7.63
CA LEU B 187 -21.44 -6.90 8.11
C LEU B 187 -22.94 -7.07 8.04
N THR B 188 -23.64 -6.52 9.03
CA THR B 188 -25.09 -6.66 9.17
C THR B 188 -25.73 -5.27 9.23
N ASP B 189 -26.94 -5.17 8.72
CA ASP B 189 -27.70 -3.92 8.72
C ASP B 189 -29.19 -4.25 8.76
N PRO B 190 -29.92 -3.83 9.77
CA PRO B 190 -31.36 -4.14 9.82
CA PRO B 190 -31.36 -4.14 9.83
C PRO B 190 -32.15 -3.52 8.69
N SER B 191 -31.64 -2.48 8.05
CA SER B 191 -32.31 -1.89 6.90
C SER B 191 -31.95 -2.57 5.59
N ASP B 192 -30.96 -3.46 5.59
CA ASP B 192 -30.55 -4.18 4.39
C ASP B 192 -30.18 -3.21 3.27
N LYS B 193 -29.34 -2.22 3.59
CA LYS B 193 -28.92 -1.19 2.63
CA LYS B 193 -28.92 -1.20 2.62
C LYS B 193 -27.41 -0.97 2.64
N ILE B 194 -26.63 -2.04 2.85
CA ILE B 194 -25.18 -1.95 2.77
C ILE B 194 -24.77 -2.04 1.30
N ILE B 195 -23.92 -1.11 0.87
CA ILE B 195 -23.23 -1.21 -0.42
C ILE B 195 -21.75 -1.22 -0.15
N TYR B 196 -21.04 -2.15 -0.78
CA TYR B 196 -19.59 -2.26 -0.61
C TYR B 196 -18.89 -1.32 -1.56
N GLU B 197 -18.32 -0.27 -1.02
CA GLU B 197 -17.65 0.76 -1.83
C GLU B 197 -16.18 0.42 -2.00
N MET B 198 -15.76 0.29 -3.25
CA MET B 198 -14.38 0.01 -3.60
C MET B 198 -13.85 1.16 -4.44
N HIS B 199 -12.53 1.32 -4.45
CA HIS B 199 -11.89 2.32 -5.28
C HIS B 199 -11.00 1.62 -6.29
N GLN B 200 -10.87 2.21 -7.47
CA GLN B 200 -9.97 1.60 -8.45
C GLN B 200 -9.32 2.66 -9.32
N TYR B 201 -8.00 2.73 -9.23
CA TYR B 201 -7.21 3.54 -10.14
C TYR B 201 -6.46 2.64 -11.10
N LEU B 202 -5.91 3.26 -12.15
CA LEU B 202 -5.52 2.55 -13.37
C LEU B 202 -4.04 2.70 -13.69
N ASP B 203 -3.29 3.42 -12.86
CA ASP B 203 -1.84 3.55 -12.99
C ASP B 203 -1.15 2.34 -12.39
N SER B 204 0.18 2.26 -12.60
CA SER B 204 0.92 1.04 -12.31
CA SER B 204 0.92 1.04 -12.31
CA SER B 204 0.92 1.04 -12.31
C SER B 204 0.65 0.52 -10.89
N ASP B 205 0.77 1.39 -9.90
CA ASP B 205 0.63 0.99 -8.51
C ASP B 205 -0.77 1.20 -7.95
N GLY B 206 -1.72 1.62 -8.78
CA GLY B 206 -3.07 1.83 -8.32
C GLY B 206 -3.26 3.00 -7.39
N SER B 207 -2.26 3.87 -7.26
CA SER B 207 -2.37 5.03 -6.38
C SER B 207 -3.20 6.16 -6.97
N GLY B 208 -3.46 6.15 -8.26
CA GLY B 208 -4.14 7.27 -8.88
C GLY B 208 -3.35 8.55 -8.82
N THR B 209 -2.03 8.46 -8.87
CA THR B 209 -1.22 9.68 -8.89
C THR B 209 -0.61 10.00 -10.24
N SER B 210 -0.71 9.10 -11.21
CA SER B 210 -0.20 9.34 -12.56
CA SER B 210 -0.20 9.34 -12.56
C SER B 210 -1.36 9.33 -13.54
N ALA B 211 -1.28 10.20 -14.56
CA ALA B 211 -2.26 10.21 -15.65
C ALA B 211 -2.09 9.06 -16.61
N THR B 212 -1.01 8.28 -16.51
CA THR B 212 -0.76 7.15 -17.40
CA THR B 212 -0.79 7.16 -17.41
C THR B 212 -1.42 5.89 -16.84
N CYS B 213 -2.14 5.18 -17.70
CA CYS B 213 -2.80 3.91 -17.42
CA CYS B 213 -2.74 3.92 -17.31
C CYS B 213 -1.89 2.77 -17.83
N VAL B 214 -1.96 1.64 -17.10
CA VAL B 214 -1.13 0.47 -17.46
C VAL B 214 -1.45 -0.06 -18.84
N SER B 215 -2.74 -0.15 -19.17
CA SER B 215 -3.17 -0.72 -20.43
C SER B 215 -4.61 -0.34 -20.69
N SER B 216 -5.05 -0.63 -21.91
CA SER B 216 -6.41 -0.32 -22.31
CA SER B 216 -6.42 -0.35 -22.34
C SER B 216 -7.46 -1.24 -21.70
N THR B 217 -7.04 -2.27 -20.96
CA THR B 217 -7.98 -3.21 -20.33
C THR B 217 -7.81 -3.28 -18.82
N ILE B 218 -6.99 -2.41 -18.24
CA ILE B 218 -6.58 -2.61 -16.85
C ILE B 218 -7.73 -2.41 -15.87
N GLY B 219 -8.72 -1.59 -16.23
CA GLY B 219 -9.83 -1.37 -15.30
C GLY B 219 -10.70 -2.60 -15.15
N GLN B 220 -11.16 -3.14 -16.27
CA GLN B 220 -11.86 -4.43 -16.28
C GLN B 220 -11.06 -5.49 -15.52
N GLU B 221 -9.77 -5.64 -15.85
CA GLU B 221 -8.96 -6.65 -15.20
C GLU B 221 -8.96 -6.50 -13.70
N ARG B 222 -8.82 -5.27 -13.23
CA ARG B 222 -8.66 -5.00 -11.80
C ARG B 222 -9.95 -5.11 -11.01
N ILE B 223 -11.12 -5.13 -11.64
CA ILE B 223 -12.37 -5.28 -10.89
C ILE B 223 -13.02 -6.65 -11.09
N THR B 224 -12.42 -7.53 -11.87
CA THR B 224 -13.05 -8.81 -12.18
C THR B 224 -13.22 -9.69 -10.95
N SER B 225 -12.17 -9.88 -10.16
CA SER B 225 -12.24 -10.68 -8.94
CA SER B 225 -12.36 -10.76 -9.01
CA SER B 225 -12.28 -10.71 -8.96
C SER B 225 -13.30 -10.15 -7.98
N ALA B 226 -13.32 -8.84 -7.81
CA ALA B 226 -14.26 -8.21 -6.89
C ALA B 226 -15.70 -8.44 -7.34
N THR B 227 -15.93 -8.36 -8.65
CA THR B 227 -17.26 -8.65 -9.20
C THR B 227 -17.70 -10.05 -8.82
N GLN B 228 -16.83 -11.03 -9.00
CA GLN B 228 -17.18 -12.41 -8.66
CA GLN B 228 -17.20 -12.40 -8.66
CA GLN B 228 -17.16 -12.42 -8.65
C GLN B 228 -17.43 -12.55 -7.16
N TRP B 229 -16.66 -11.85 -6.33
CA TRP B 229 -16.87 -11.93 -4.88
C TRP B 229 -18.21 -11.36 -4.48
N LEU B 230 -18.58 -10.21 -5.05
CA LEU B 230 -19.90 -9.66 -4.77
C LEU B 230 -21.00 -10.64 -5.15
N ARG B 231 -20.90 -11.24 -6.34
CA ARG B 231 -21.94 -12.15 -6.77
C ARG B 231 -21.98 -13.40 -5.90
N ALA B 232 -20.81 -13.96 -5.57
CA ALA B 232 -20.78 -15.18 -4.78
C ALA B 232 -21.42 -14.97 -3.41
N ASN B 233 -21.26 -13.76 -2.87
CA ASN B 233 -21.72 -13.44 -1.53
C ASN B 233 -23.05 -12.72 -1.50
N GLY B 234 -23.70 -12.55 -2.66
CA GLY B 234 -24.99 -11.88 -2.71
C GLY B 234 -24.96 -10.44 -2.26
N LYS B 235 -23.88 -9.72 -2.55
CA LYS B 235 -23.69 -8.34 -2.12
C LYS B 235 -23.83 -7.40 -3.31
N LYS B 236 -23.93 -6.11 -3.00
CA LYS B 236 -23.92 -5.05 -3.99
C LYS B 236 -22.71 -4.17 -3.73
N GLY B 237 -22.11 -3.66 -4.81
CA GLY B 237 -20.96 -2.79 -4.71
C GLY B 237 -21.14 -1.49 -5.47
N ILE B 238 -20.24 -0.56 -5.19
CA ILE B 238 -20.13 0.67 -5.95
C ILE B 238 -18.64 1.00 -6.08
N ILE B 239 -18.25 1.58 -7.21
CA ILE B 239 -16.90 2.11 -7.35
C ILE B 239 -17.00 3.57 -6.86
N GLY B 240 -16.51 3.85 -5.66
CA GLY B 240 -16.66 5.19 -5.08
C GLY B 240 -15.61 6.19 -5.48
N GLU B 241 -14.50 5.72 -6.05
CA GLU B 241 -13.49 6.57 -6.68
C GLU B 241 -12.90 5.78 -7.83
N PHE B 242 -12.79 6.43 -8.99
CA PHE B 242 -11.97 5.94 -10.09
C PHE B 242 -11.58 7.15 -10.92
N ALA B 243 -10.50 7.00 -11.69
CA ALA B 243 -10.06 8.05 -12.60
C ALA B 243 -9.02 7.47 -13.54
N GLY B 244 -8.79 8.20 -14.63
CA GLY B 244 -7.65 7.98 -15.51
C GLY B 244 -7.40 9.28 -16.23
N GLY B 245 -6.21 9.37 -16.84
CA GLY B 245 -5.85 10.59 -17.54
C GLY B 245 -6.63 10.76 -18.82
N ALA B 246 -6.63 12.00 -19.31
CA ALA B 246 -7.24 12.33 -20.59
C ALA B 246 -6.30 11.93 -21.72
N ASN B 247 -6.27 10.63 -21.99
CA ASN B 247 -5.44 10.09 -23.05
C ASN B 247 -6.09 8.81 -23.55
N ASP B 248 -5.58 8.31 -24.67
CA ASP B 248 -6.26 7.22 -25.38
C ASP B 248 -6.32 5.94 -24.56
N VAL B 249 -5.18 5.53 -23.99
CA VAL B 249 -5.16 4.26 -23.28
C VAL B 249 -6.09 4.32 -22.08
N CYS B 250 -6.05 5.42 -21.32
CA CYS B 250 -6.91 5.53 -20.15
C CYS B 250 -8.38 5.59 -20.54
N GLU B 251 -8.71 6.35 -21.59
CA GLU B 251 -10.09 6.43 -22.02
C GLU B 251 -10.62 5.07 -22.42
N THR B 252 -9.81 4.29 -23.14
CA THR B 252 -10.21 2.95 -23.51
C THR B 252 -10.40 2.08 -22.28
N ALA B 253 -9.49 2.20 -21.30
CA ALA B 253 -9.61 1.43 -20.06
C ALA B 253 -10.86 1.81 -19.27
N ILE B 254 -11.18 3.11 -19.24
CA ILE B 254 -12.37 3.56 -18.54
C ILE B 254 -13.63 3.01 -19.22
N THR B 255 -13.72 3.14 -20.55
CA THR B 255 -14.86 2.59 -21.29
CA THR B 255 -14.88 2.60 -21.24
C THR B 255 -14.97 1.10 -21.07
N GLY B 256 -13.84 0.40 -21.13
CA GLY B 256 -13.87 -1.04 -20.97
C GLY B 256 -14.34 -1.42 -19.58
N MET B 257 -13.86 -0.70 -18.57
CA MET B 257 -14.26 -1.01 -17.20
C MET B 257 -15.76 -0.77 -16.98
N LEU B 258 -16.26 0.37 -17.48
CA LEU B 258 -17.68 0.70 -17.30
C LEU B 258 -18.57 -0.21 -18.13
N ASP B 259 -18.14 -0.59 -19.34
CA ASP B 259 -18.90 -1.56 -20.13
C ASP B 259 -18.96 -2.91 -19.43
N TYR B 260 -17.86 -3.34 -18.81
CA TYR B 260 -17.87 -4.58 -18.04
C TYR B 260 -18.83 -4.45 -16.85
N MET B 261 -18.79 -3.32 -16.14
CA MET B 261 -19.74 -3.12 -15.04
C MET B 261 -21.19 -3.16 -15.54
N ALA B 262 -21.43 -2.61 -16.74
CA ALA B 262 -22.79 -2.59 -17.29
C ALA B 262 -23.33 -3.97 -17.62
N GLN B 263 -22.45 -4.94 -17.81
CA GLN B 263 -22.85 -6.33 -17.97
CA GLN B 263 -22.87 -6.33 -17.97
C GLN B 263 -22.99 -7.06 -16.66
N ASN B 264 -22.76 -6.39 -15.54
CA ASN B 264 -22.74 -6.99 -14.21
C ASN B 264 -23.48 -6.11 -13.22
N THR B 265 -24.59 -5.54 -13.67
CA THR B 265 -25.37 -4.67 -12.78
C THR B 265 -26.17 -5.43 -11.74
N ASP B 266 -26.19 -6.77 -11.78
CA ASP B 266 -26.72 -7.49 -10.63
C ASP B 266 -25.90 -7.22 -9.37
N VAL B 267 -24.62 -6.87 -9.51
CA VAL B 267 -23.78 -6.53 -8.36
C VAL B 267 -23.32 -5.09 -8.35
N TRP B 268 -23.07 -4.48 -9.51
CA TRP B 268 -22.55 -3.10 -9.54
C TRP B 268 -23.68 -2.09 -9.60
N THR B 269 -23.75 -1.23 -8.59
CA THR B 269 -24.73 -0.15 -8.51
C THR B 269 -24.27 1.11 -9.23
N GLY B 270 -22.99 1.19 -9.63
CA GLY B 270 -22.53 2.37 -10.35
C GLY B 270 -21.11 2.76 -9.98
N ALA B 271 -20.80 4.03 -10.24
CA ALA B 271 -19.43 4.52 -10.17
C ALA B 271 -19.41 6.03 -9.93
N ILE B 272 -18.33 6.47 -9.27
CA ILE B 272 -18.17 7.87 -8.84
C ILE B 272 -16.74 8.29 -9.20
N TRP B 273 -16.62 9.28 -10.08
CA TRP B 273 -15.32 9.77 -10.54
C TRP B 273 -14.61 10.56 -9.45
N TRP B 274 -13.28 10.46 -9.41
CA TRP B 274 -12.43 11.34 -8.60
C TRP B 274 -11.69 12.27 -9.55
N ALA B 275 -11.94 13.60 -9.52
CA ALA B 275 -12.87 14.30 -8.65
C ALA B 275 -13.21 15.63 -9.30
N ALA B 276 -14.36 16.19 -8.92
CA ALA B 276 -14.69 17.59 -9.12
C ALA B 276 -14.40 18.35 -7.82
N GLY B 277 -14.68 19.65 -7.82
CA GLY B 277 -14.39 20.52 -6.69
C GLY B 277 -13.78 21.81 -7.22
N PRO B 278 -13.82 22.88 -6.44
CA PRO B 278 -13.44 24.22 -6.96
CA PRO B 278 -13.43 24.19 -6.99
C PRO B 278 -11.94 24.52 -6.97
N TRP B 279 -11.10 23.72 -6.31
CA TRP B 279 -9.70 24.08 -6.12
C TRP B 279 -8.75 23.13 -6.82
N TRP B 280 -9.17 22.55 -7.95
CA TRP B 280 -8.31 21.62 -8.67
C TRP B 280 -7.50 22.23 -9.79
N GLY B 281 -7.94 23.34 -10.38
CA GLY B 281 -7.15 23.94 -11.45
C GLY B 281 -6.91 22.95 -12.59
N ASP B 282 -5.64 22.82 -13.01
CA ASP B 282 -5.26 21.95 -14.12
CA ASP B 282 -5.23 21.95 -14.11
C ASP B 282 -5.05 20.49 -13.70
N TYR B 283 -5.55 20.09 -12.54
CA TYR B 283 -5.44 18.71 -12.09
C TYR B 283 -5.80 17.72 -13.18
N ILE B 284 -4.98 16.67 -13.29
CA ILE B 284 -5.11 15.64 -14.31
C ILE B 284 -6.48 14.96 -14.34
N PHE B 285 -7.23 14.95 -13.23
CA PHE B 285 -8.52 14.25 -13.15
C PHE B 285 -9.69 15.21 -12.91
N SER B 286 -9.53 16.52 -13.11
CA SER B 286 -10.61 17.42 -12.69
C SER B 286 -11.89 17.29 -13.51
N MET B 287 -12.98 16.94 -12.83
CA MET B 287 -14.32 16.89 -13.40
C MET B 287 -15.09 18.19 -13.15
N GLU B 288 -14.41 19.24 -12.72
CA GLU B 288 -15.12 20.48 -12.36
C GLU B 288 -15.53 21.25 -13.61
N PRO B 289 -16.84 21.50 -13.84
CA PRO B 289 -17.25 22.40 -14.94
C PRO B 289 -16.71 23.79 -14.68
N ASP B 290 -16.41 24.55 -15.75
CA ASP B 290 -16.59 24.16 -17.14
C ASP B 290 -15.27 23.78 -17.79
N ASN B 291 -14.15 23.90 -17.06
CA ASN B 291 -12.84 23.78 -17.66
C ASN B 291 -11.97 22.64 -17.13
N GLY B 292 -12.45 21.81 -16.21
CA GLY B 292 -11.66 20.65 -15.82
C GLY B 292 -11.36 19.77 -17.02
N ILE B 293 -10.15 19.18 -17.04
CA ILE B 293 -9.76 18.37 -18.19
C ILE B 293 -10.65 17.14 -18.31
N ALA B 294 -11.03 16.52 -17.18
CA ALA B 294 -11.92 15.37 -17.27
C ALA B 294 -13.34 15.79 -17.63
N TYR B 295 -13.78 16.96 -17.16
CA TYR B 295 -15.09 17.45 -17.57
C TYR B 295 -15.15 17.61 -19.08
N GLN B 296 -14.06 18.08 -19.68
CA GLN B 296 -14.06 18.33 -21.12
C GLN B 296 -13.82 17.05 -21.91
N GLN B 297 -12.89 16.20 -21.49
CA GLN B 297 -12.47 15.06 -22.31
C GLN B 297 -12.99 13.73 -21.85
N ILE B 298 -13.25 13.55 -20.56
CA ILE B 298 -13.76 12.26 -20.06
C ILE B 298 -15.28 12.24 -20.03
N LEU B 299 -15.93 13.31 -19.58
CA LEU B 299 -17.39 13.29 -19.53
C LEU B 299 -18.04 12.79 -20.82
N PRO B 300 -17.56 13.14 -22.02
CA PRO B 300 -18.16 12.56 -23.23
C PRO B 300 -18.14 11.04 -23.32
N ILE B 301 -17.18 10.36 -22.68
CA ILE B 301 -17.20 8.89 -22.63
C ILE B 301 -17.98 8.33 -21.46
N LEU B 302 -18.41 9.17 -20.52
CA LEU B 302 -19.30 8.75 -19.45
C LEU B 302 -20.76 8.93 -19.81
N THR B 303 -21.08 9.88 -20.68
CA THR B 303 -22.45 10.16 -21.10
C THR B 303 -23.21 8.93 -21.61
N PRO B 304 -22.59 7.94 -22.27
CA PRO B 304 -23.35 6.74 -22.66
C PRO B 304 -24.02 6.02 -21.50
N TYR B 305 -23.55 6.18 -20.27
CA TYR B 305 -24.12 5.48 -19.11
C TYR B 305 -25.17 6.32 -18.38
N LEU B 306 -25.34 7.57 -18.77
CA LEU B 306 -26.16 8.50 -18.00
C LEU B 306 -27.57 8.65 -18.56
C1 GOL C . 12.79 0.22 -2.83
O1 GOL C . 12.51 -1.14 -2.56
C2 GOL C . 11.62 1.09 -2.42
O2 GOL C . 10.41 0.65 -3.03
C3 GOL C . 11.95 2.54 -2.75
O3 GOL C . 12.08 2.66 -4.16
C1 GOL D . -3.74 -9.76 -6.26
O1 GOL D . -3.47 -11.09 -6.64
C2 GOL D . -3.13 -8.79 -7.26
O2 GOL D . -1.74 -9.04 -7.37
C3 GOL D . -3.38 -7.37 -6.82
O3 GOL D . -2.69 -7.15 -5.59
C1 GOL E . 32.73 8.91 0.03
O1 GOL E . 32.29 7.66 0.51
C2 GOL E . 33.86 8.67 -0.95
O2 GOL E . 34.53 9.90 -1.16
C3 GOL E . 34.79 7.60 -0.39
O3 GOL E . 35.92 7.52 -1.22
S SO4 F . -1.31 4.59 15.51
O1 SO4 F . -0.50 5.77 15.96
O2 SO4 F . -2.31 4.23 16.58
O3 SO4 F . -2.00 4.91 14.25
O4 SO4 F . -0.40 3.42 15.26
S SO4 G . -12.66 27.67 -13.58
O1 SO4 G . -11.99 28.71 -12.72
O2 SO4 G . -13.84 28.28 -14.27
O3 SO4 G . -11.68 27.17 -14.60
O4 SO4 G . -13.12 26.54 -12.71
S SO4 H . -28.45 -7.62 6.44
O1 SO4 H . -28.01 -7.74 7.88
O2 SO4 H . -29.89 -7.23 6.34
O3 SO4 H . -27.61 -6.57 5.77
O4 SO4 H . -28.26 -8.94 5.77
C1 GOL I . -0.48 5.73 7.55
O1 GOL I . -0.47 7.14 7.42
C2 GOL I . 0.80 5.11 7.03
O2 GOL I . 1.40 4.47 8.13
C3 GOL I . 0.51 4.12 5.91
O3 GOL I . 1.69 3.50 5.46
C1 GOL J . -7.70 10.36 -4.44
O1 GOL J . -8.49 9.93 -3.34
C2 GOL J . -6.55 9.41 -4.73
O2 GOL J . -5.74 9.31 -3.57
C3 GOL J . -5.76 9.90 -5.94
O3 GOL J . -5.19 11.17 -5.62
C1 GOL K . -2.75 13.16 -19.87
O1 GOL K . -2.04 11.98 -20.20
C2 GOL K . -3.02 13.95 -21.12
O2 GOL K . -3.83 15.04 -20.78
C3 GOL K . -1.74 14.39 -21.78
O3 GOL K . -2.07 15.19 -22.90
C1 GOL L . -31.12 12.73 -11.11
O1 GOL L . -30.47 13.70 -10.31
C2 GOL L . -31.88 11.82 -10.18
O2 GOL L . -32.14 10.59 -10.81
C3 GOL L . -31.05 11.65 -8.93
O3 GOL L . -31.33 10.44 -8.24
C1 GOL M . -23.89 6.14 20.70
O1 GOL M . -25.04 5.38 21.01
C2 GOL M . -23.79 7.24 21.73
O2 GOL M . -22.58 7.29 22.43
C3 GOL M . -24.16 8.57 21.11
O3 GOL M . -24.33 9.60 22.06
#